data_4U8B
# 
_entry.id   4U8B 
# 
_audit_conform.dict_name       mmcif_pdbx.dic 
_audit_conform.dict_version    5.379 
_audit_conform.dict_location   http://mmcif.pdb.org/dictionaries/ascii/mmcif_pdbx.dic 
# 
loop_
_database_2.database_id 
_database_2.database_code 
_database_2.pdbx_database_accession 
_database_2.pdbx_DOI 
PDB   4U8B         pdb_00004u8b 10.2210/pdb4u8b/pdb 
WWPDB D_1000202984 ?            ?                   
# 
loop_
_pdbx_database_related.content_type 
_pdbx_database_related.db_id 
_pdbx_database_related.db_name 
_pdbx_database_related.details 
unspecified 4U8A PDB . 
unspecified 4U8C PDB . 
# 
_pdbx_database_status.status_code                     REL 
_pdbx_database_status.status_code_sf                  REL 
_pdbx_database_status.status_code_mr                  ? 
_pdbx_database_status.entry_id                        4U8B 
_pdbx_database_status.recvd_initial_deposition_date   2014-08-01 
_pdbx_database_status.SG_entry                        N 
_pdbx_database_status.deposit_site                    RCSB 
_pdbx_database_status.process_site                    RCSB 
_pdbx_database_status.status_code_cs                  ? 
_pdbx_database_status.methods_development_category    ? 
_pdbx_database_status.pdb_format_compatible           Y 
_pdbx_database_status.status_code_nmr_data            ? 
# 
loop_
_audit_author.name 
_audit_author.pdbx_ordinal 
'Zhu, W.'      1 
'Oldfield, E.' 2 
# 
_citation.abstract                  ? 
_citation.abstract_id_CAS           ? 
_citation.book_id_ISBN              ? 
_citation.book_publisher            ? 
_citation.book_publisher_city       ? 
_citation.book_title                ? 
_citation.coordinate_linkage        ? 
_citation.country                   US 
_citation.database_id_Medline       ? 
_citation.details                   ? 
_citation.id                        primary 
_citation.journal_abbrev            J.Med.Chem. 
_citation.journal_id_ASTM           JMCMAR 
_citation.journal_id_CSD            0151 
_citation.journal_id_ISSN           0022-2623 
_citation.journal_full              ? 
_citation.journal_issue             ? 
_citation.journal_volume            58 
_citation.language                  ? 
_citation.page_first                1215 
_citation.page_last                 1227 
_citation.title                     'Antibacterial drug leads: DNA and enzyme multitargeting.' 
_citation.year                      2015 
_citation.database_id_CSD           ? 
_citation.pdbx_database_id_DOI      10.1021/jm501449u 
_citation.pdbx_database_id_PubMed   25574764 
_citation.unpublished_flag          ? 
# 
loop_
_citation_author.citation_id 
_citation_author.name 
_citation_author.ordinal 
_citation_author.identifier_ORCID 
primary 'Zhu, W.'      1  ? 
primary 'Wang, Y.'     2  ? 
primary 'Li, K.'       3  ? 
primary 'Gao, J.'      4  ? 
primary 'Huang, C.H.'  5  ? 
primary 'Chen, C.C.'   6  ? 
primary 'Ko, T.P.'     7  ? 
primary 'Zhang, Y.'    8  ? 
primary 'Guo, R.T.'    9  ? 
primary 'Oldfield, E.' 10 ? 
# 
_cell.length_a           23.765 
_cell.length_b           39.388 
_cell.length_c           65.362 
_cell.angle_alpha        90.000 
_cell.angle_beta         90.000 
_cell.angle_gamma        90.000 
_cell.entry_id           4U8B 
_cell.Z_PDB              8 
_cell.pdbx_unique_axis   ? 
# 
_symmetry.entry_id                         4U8B 
_symmetry.cell_setting                     ? 
_symmetry.Int_Tables_number                19 
_symmetry.space_group_name_Hall            ? 
_symmetry.space_group_name_H-M             'P 21 21 21' 
_symmetry.pdbx_full_space_group_name_H-M   ? 
# 
loop_
_entity.id 
_entity.type 
_entity.src_method 
_entity.pdbx_description 
_entity.formula_weight 
_entity.pdbx_number_of_molecules 
_entity.pdbx_ec 
_entity.pdbx_mutation 
_entity.pdbx_fragment 
_entity.details 
1 polymer     syn 
;DNA (5'-D(*CP*GP*CP*GP*AP*AP*TP*TP*CP*GP*CP*G)-3')
;
3663.392 2  ? ? ? ? 
2 non-polymer syn 'MAGNESIUM ION'                                                               24.305   1  ? ? ? ? 
3 non-polymer syn "N,N'-bis[3-(4,5-dihydro-1H-imidazol-2-yl)phenyl]biphenyl-4,4'-dicarboxamide" 528.604  1  ? ? ? ? 
4 water       nat water                                                                         18.015   43 ? ? ? ? 
# 
_entity_poly.entity_id                      1 
_entity_poly.type                           polydeoxyribonucleotide 
_entity_poly.nstd_linkage                   no 
_entity_poly.nstd_monomer                   no 
_entity_poly.pdbx_seq_one_letter_code       '(DC)(DG)(DC)(DG)(DA)(DA)(DT)(DT)(DC)(DG)(DC)(DG)' 
_entity_poly.pdbx_seq_one_letter_code_can   CGCGAATTCGCG 
_entity_poly.pdbx_strand_id                 A,B 
_entity_poly.pdbx_target_identifier         ? 
# 
loop_
_entity_poly_seq.entity_id 
_entity_poly_seq.num 
_entity_poly_seq.mon_id 
_entity_poly_seq.hetero 
1 1  DC n 
1 2  DG n 
1 3  DC n 
1 4  DG n 
1 5  DA n 
1 6  DA n 
1 7  DT n 
1 8  DT n 
1 9  DC n 
1 10 DG n 
1 11 DC n 
1 12 DG n 
# 
_pdbx_entity_src_syn.entity_id              1 
_pdbx_entity_src_syn.pdbx_src_id            1 
_pdbx_entity_src_syn.pdbx_alt_source_flag   sample 
_pdbx_entity_src_syn.pdbx_beg_seq_num       1 
_pdbx_entity_src_syn.pdbx_end_seq_num       12 
_pdbx_entity_src_syn.organism_scientific    'synthetic construct' 
_pdbx_entity_src_syn.organism_common_name   ? 
_pdbx_entity_src_syn.ncbi_taxonomy_id       32630 
_pdbx_entity_src_syn.details                ? 
# 
_struct_ref.id                         1 
_struct_ref.db_name                    PDB 
_struct_ref.db_code                    4U8B 
_struct_ref.pdbx_db_accession          4U8B 
_struct_ref.entity_id                  1 
_struct_ref.pdbx_seq_one_letter_code   ? 
_struct_ref.pdbx_align_begin           1 
_struct_ref.pdbx_db_isoform            ? 
# 
loop_
_struct_ref_seq.align_id 
_struct_ref_seq.ref_id 
_struct_ref_seq.pdbx_PDB_id_code 
_struct_ref_seq.pdbx_strand_id 
_struct_ref_seq.seq_align_beg 
_struct_ref_seq.pdbx_seq_align_beg_ins_code 
_struct_ref_seq.seq_align_end 
_struct_ref_seq.pdbx_seq_align_end_ins_code 
_struct_ref_seq.pdbx_db_accession 
_struct_ref_seq.db_align_beg 
_struct_ref_seq.pdbx_db_align_beg_ins_code 
_struct_ref_seq.db_align_end 
_struct_ref_seq.pdbx_db_align_end_ins_code 
_struct_ref_seq.pdbx_auth_seq_align_beg 
_struct_ref_seq.pdbx_auth_seq_align_end 
1 1 4U8B A 1 ? 12 ? 4U8B 1  ? 12 ? 1  12 
2 1 4U8B B 1 ? 12 ? 4U8B 13 ? 24 ? 13 24 
# 
loop_
_chem_comp.id 
_chem_comp.type 
_chem_comp.mon_nstd_flag 
_chem_comp.name 
_chem_comp.pdbx_synonyms 
_chem_comp.formula 
_chem_comp.formula_weight 
3F2 non-polymer   . "N,N'-bis[3-(4,5-dihydro-1H-imidazol-2-yl)phenyl]biphenyl-4,4'-dicarboxamide" BPH-1358 'C32 H28 N6 O2'   
528.604 
DA  'DNA linking' y "2'-DEOXYADENOSINE-5'-MONOPHOSPHATE"                                          ?        'C10 H14 N5 O6 P' 
331.222 
DC  'DNA linking' y "2'-DEOXYCYTIDINE-5'-MONOPHOSPHATE"                                           ?        'C9 H14 N3 O7 P'  
307.197 
DG  'DNA linking' y "2'-DEOXYGUANOSINE-5'-MONOPHOSPHATE"                                          ?        'C10 H14 N5 O7 P' 
347.221 
DT  'DNA linking' y "THYMIDINE-5'-MONOPHOSPHATE"                                                  ?        'C10 H15 N2 O8 P' 
322.208 
HOH non-polymer   . WATER                                                                         ?        'H2 O'            
18.015  
MG  non-polymer   . 'MAGNESIUM ION'                                                               ?        'Mg 2'            
24.305  
# 
_exptl.absorpt_coefficient_mu     ? 
_exptl.absorpt_correction_T_max   ? 
_exptl.absorpt_correction_T_min   ? 
_exptl.absorpt_correction_type    ? 
_exptl.absorpt_process_details    ? 
_exptl.entry_id                   4U8B 
_exptl.crystals_number            1 
_exptl.details                    ? 
_exptl.method                     'X-RAY DIFFRACTION' 
_exptl.method_details             ? 
# 
_exptl_crystal.colour                      ? 
_exptl_crystal.density_diffrn              ? 
_exptl_crystal.density_Matthews            2.09 
_exptl_crystal.density_method              ? 
_exptl_crystal.density_percent_sol         41.08 
_exptl_crystal.description                 ? 
_exptl_crystal.F_000                       ? 
_exptl_crystal.id                          1 
_exptl_crystal.preparation                 ? 
_exptl_crystal.size_max                    ? 
_exptl_crystal.size_mid                    ? 
_exptl_crystal.size_min                    ? 
_exptl_crystal.size_rad                    ? 
_exptl_crystal.colour_lustre               ? 
_exptl_crystal.colour_modifier             ? 
_exptl_crystal.colour_primary              ? 
_exptl_crystal.density_meas                ? 
_exptl_crystal.density_meas_esd            ? 
_exptl_crystal.density_meas_gt             ? 
_exptl_crystal.density_meas_lt             ? 
_exptl_crystal.density_meas_temp           ? 
_exptl_crystal.density_meas_temp_esd       ? 
_exptl_crystal.density_meas_temp_gt        ? 
_exptl_crystal.density_meas_temp_lt        ? 
_exptl_crystal.pdbx_crystal_image_url      ? 
_exptl_crystal.pdbx_crystal_image_format   ? 
_exptl_crystal.pdbx_mosaicity              ? 
_exptl_crystal.pdbx_mosaicity_esd          ? 
# 
_exptl_crystal_grow.apparatus       ? 
_exptl_crystal_grow.atmosphere      ? 
_exptl_crystal_grow.crystal_id      1 
_exptl_crystal_grow.details         ? 
_exptl_crystal_grow.method          EVAPORATION 
_exptl_crystal_grow.method_ref      ? 
_exptl_crystal_grow.pH              6.9 
_exptl_crystal_grow.pressure        ? 
_exptl_crystal_grow.pressure_esd    ? 
_exptl_crystal_grow.seeding         ? 
_exptl_crystal_grow.seeding_ref     ? 
_exptl_crystal_grow.temp            298 
_exptl_crystal_grow.temp_details    ? 
_exptl_crystal_grow.temp_esd        ? 
_exptl_crystal_grow.time            ? 
_exptl_crystal_grow.pdbx_details    '40 mM sodium cacodylate, pH 6.9, 50 mM Mg(OAc)2, 6 mM spermine-4HCl, 40% MPD' 
_exptl_crystal_grow.pdbx_pH_range   ? 
# 
_diffrn.ambient_environment    ? 
_diffrn.ambient_temp           100 
_diffrn.ambient_temp_details   ? 
_diffrn.ambient_temp_esd       ? 
_diffrn.crystal_id             1 
_diffrn.crystal_support        ? 
_diffrn.crystal_treatment      ? 
_diffrn.details                ? 
_diffrn.id                     1 
_diffrn.ambient_pressure       ? 
_diffrn.ambient_pressure_esd   ? 
_diffrn.ambient_pressure_gt    ? 
_diffrn.ambient_pressure_lt    ? 
_diffrn.ambient_temp_gt        ? 
_diffrn.ambient_temp_lt        ? 
# 
_diffrn_detector.details                      ? 
_diffrn_detector.detector                     CCD 
_diffrn_detector.diffrn_id                    1 
_diffrn_detector.type                         'MARMOSAIC 300 mm CCD' 
_diffrn_detector.area_resol_mean              ? 
_diffrn_detector.dtime                        ? 
_diffrn_detector.pdbx_frames_total            ? 
_diffrn_detector.pdbx_collection_time_total   ? 
_diffrn_detector.pdbx_collection_date         2013-10-18 
# 
_diffrn_radiation.collimation                      ? 
_diffrn_radiation.diffrn_id                        1 
_diffrn_radiation.filter_edge                      ? 
_diffrn_radiation.inhomogeneity                    ? 
_diffrn_radiation.monochromator                    'Si(111)' 
_diffrn_radiation.polarisn_norm                    ? 
_diffrn_radiation.polarisn_ratio                   ? 
_diffrn_radiation.probe                            ? 
_diffrn_radiation.type                             ? 
_diffrn_radiation.xray_symbol                      ? 
_diffrn_radiation.wavelength_id                    1 
_diffrn_radiation.pdbx_monochromatic_or_laue_m_l   M 
_diffrn_radiation.pdbx_wavelength_list             ? 
_diffrn_radiation.pdbx_wavelength                  ? 
_diffrn_radiation.pdbx_diffrn_protocol             'SINGLE WAVELENGTH' 
_diffrn_radiation.pdbx_analyzer                    ? 
_diffrn_radiation.pdbx_scattering_type             x-ray 
# 
_diffrn_radiation_wavelength.id           1 
_diffrn_radiation_wavelength.wavelength   0.97857 
_diffrn_radiation_wavelength.wt           1.0 
# 
_diffrn_source.current                     ? 
_diffrn_source.details                     ? 
_diffrn_source.diffrn_id                   1 
_diffrn_source.power                       ? 
_diffrn_source.size                        ? 
_diffrn_source.source                      SYNCHROTRON 
_diffrn_source.target                      ? 
_diffrn_source.type                        'APS BEAMLINE 21-ID-D' 
_diffrn_source.voltage                     ? 
_diffrn_source.take-off_angle              ? 
_diffrn_source.pdbx_wavelength_list        0.97857 
_diffrn_source.pdbx_wavelength             ? 
_diffrn_source.pdbx_synchrotron_beamline   21-ID-D 
_diffrn_source.pdbx_synchrotron_site       APS 
# 
_reflns.B_iso_Wilson_estimate            ? 
_reflns.entry_id                         4U8B 
_reflns.data_reduction_details           ? 
_reflns.data_reduction_method            ? 
_reflns.d_resolution_high                1.310 
_reflns.d_resolution_low                 50.000 
_reflns.details                          ? 
_reflns.limit_h_max                      ? 
_reflns.limit_h_min                      ? 
_reflns.limit_k_max                      ? 
_reflns.limit_k_min                      ? 
_reflns.limit_l_max                      ? 
_reflns.limit_l_min                      ? 
_reflns.number_all                       ? 
_reflns.number_obs                       15205 
_reflns.observed_criterion               ? 
_reflns.observed_criterion_F_max         ? 
_reflns.observed_criterion_F_min         ? 
_reflns.observed_criterion_I_max         ? 
_reflns.observed_criterion_I_min         ? 
_reflns.observed_criterion_sigma_F       ? 
_reflns.observed_criterion_sigma_I       ? 
_reflns.percent_possible_obs             98.700 
_reflns.R_free_details                   ? 
_reflns.Rmerge_F_all                     ? 
_reflns.Rmerge_F_obs                     ? 
_reflns.Friedel_coverage                 ? 
_reflns.number_gt                        ? 
_reflns.threshold_expression             ? 
_reflns.pdbx_redundancy                  13.400 
_reflns.pdbx_Rmerge_I_obs                0.076 
_reflns.pdbx_Rmerge_I_all                ? 
_reflns.pdbx_Rsym_value                  ? 
_reflns.pdbx_netI_over_av_sigmaI         29.844 
_reflns.pdbx_netI_over_sigmaI            10.800 
_reflns.pdbx_res_netI_over_av_sigmaI_2   ? 
_reflns.pdbx_res_netI_over_sigmaI_2      ? 
_reflns.pdbx_chi_squared                 1.063 
_reflns.pdbx_scaling_rejects             ? 
_reflns.pdbx_d_res_high_opt              ? 
_reflns.pdbx_d_res_low_opt               ? 
_reflns.pdbx_d_res_opt_method            ? 
_reflns.phase_calculation_details        ? 
_reflns.pdbx_Rrim_I_all                  ? 
_reflns.pdbx_Rpim_I_all                  ? 
_reflns.pdbx_d_opt                       ? 
_reflns.pdbx_number_measured_all         203452 
_reflns.pdbx_diffrn_id                   1 
_reflns.pdbx_ordinal                     1 
_reflns.pdbx_CC_half                     ? 
_reflns.pdbx_R_split                     ? 
# 
loop_
_reflns_shell.d_res_high 
_reflns_shell.d_res_low 
_reflns_shell.meanI_over_sigI_all 
_reflns_shell.meanI_over_sigI_obs 
_reflns_shell.number_measured_all 
_reflns_shell.number_measured_obs 
_reflns_shell.number_possible 
_reflns_shell.number_unique_all 
_reflns_shell.number_unique_obs 
_reflns_shell.percent_possible_all 
_reflns_shell.percent_possible_obs 
_reflns_shell.Rmerge_F_all 
_reflns_shell.Rmerge_F_obs 
_reflns_shell.Rmerge_I_all 
_reflns_shell.Rmerge_I_obs 
_reflns_shell.meanI_over_sigI_gt 
_reflns_shell.meanI_over_uI_all 
_reflns_shell.meanI_over_uI_gt 
_reflns_shell.number_measured_gt 
_reflns_shell.number_unique_gt 
_reflns_shell.percent_possible_gt 
_reflns_shell.Rmerge_F_gt 
_reflns_shell.Rmerge_I_gt 
_reflns_shell.pdbx_redundancy 
_reflns_shell.pdbx_Rsym_value 
_reflns_shell.pdbx_chi_squared 
_reflns_shell.pdbx_netI_over_sigmaI_all 
_reflns_shell.pdbx_netI_over_sigmaI_obs 
_reflns_shell.pdbx_Rrim_I_all 
_reflns_shell.pdbx_Rpim_I_all 
_reflns_shell.pdbx_rejects 
_reflns_shell.pdbx_ordinal 
_reflns_shell.pdbx_diffrn_id 
_reflns_shell.pdbx_CC_half 
_reflns_shell.pdbx_R_split 
1.310 1.330  ? ? ? ? ? 731 ? 100.000 ? ? ? ? 0.659 ? ? ? ? ? ? ? ? 14.300 ? 0.749 ? ? ? ? 0 1  1 ? ? 
1.330 1.360  ? ? ? ? ? 764 ? 100.000 ? ? ? ? 0.540 ? ? ? ? ? ? ? ? 14.400 ? 0.756 ? ? ? ? 0 2  1 ? ? 
1.360 1.380  ? ? ? ? ? 747 ? 100.000 ? ? ? ? 0.464 ? ? ? ? ? ? ? ? 14.400 ? 0.762 ? ? ? ? 0 3  1 ? ? 
1.380 1.410  ? ? ? ? ? 760 ? 100.000 ? ? ? ? 0.384 ? ? ? ? ? ? ? ? 14.300 ? 0.786 ? ? ? ? 0 4  1 ? ? 
1.410 1.440  ? ? ? ? ? 735 ? 100.000 ? ? ? ? 0.319 ? ? ? ? ? ? ? ? 14.400 ? 0.831 ? ? ? ? 0 5  1 ? ? 
1.440 1.480  ? ? ? ? ? 774 ? 100.000 ? ? ? ? 0.269 ? ? ? ? ? ? ? ? 14.500 ? 0.857 ? ? ? ? 0 6  1 ? ? 
1.480 1.510  ? ? ? ? ? 742 ? 100.000 ? ? ? ? 0.216 ? ? ? ? ? ? ? ? 14.400 ? 0.873 ? ? ? ? 0 7  1 ? ? 
1.510 1.550  ? ? ? ? ? 760 ? 100.000 ? ? ? ? 0.187 ? ? ? ? ? ? ? ? 14.400 ? 0.934 ? ? ? ? 0 8  1 ? ? 
1.550 1.600  ? ? ? ? ? 764 ? 100.000 ? ? ? ? 0.153 ? ? ? ? ? ? ? ? 14.200 ? 1.080 ? ? ? ? 0 9  1 ? ? 
1.600 1.650  ? ? ? ? ? 761 ? 100.000 ? ? ? ? 0.119 ? ? ? ? ? ? ? ? 14.000 ? 1.158 ? ? ? ? 0 10 1 ? ? 
1.650 1.710  ? ? ? ? ? 775 ? 100.000 ? ? ? ? 0.105 ? ? ? ? ? ? ? ? 13.900 ? 1.234 ? ? ? ? 0 11 1 ? ? 
1.710 1.780  ? ? ? ? ? 745 ? 100.000 ? ? ? ? 0.093 ? ? ? ? ? ? ? ? 13.800 ? 1.236 ? ? ? ? 0 12 1 ? ? 
1.780 1.860  ? ? ? ? ? 776 ? 100.000 ? ? ? ? 0.083 ? ? ? ? ? ? ? ? 13.800 ? 1.190 ? ? ? ? 0 13 1 ? ? 
1.860 1.960  ? ? ? ? ? 767 ? 100.000 ? ? ? ? 0.077 ? ? ? ? ? ? ? ? 13.700 ? 1.265 ? ? ? ? 0 14 1 ? ? 
1.960 2.080  ? ? ? ? ? 765 ? 100.000 ? ? ? ? 0.074 ? ? ? ? ? ? ? ? 13.500 ? 1.332 ? ? ? ? 0 15 1 ? ? 
2.080 2.240  ? ? ? ? ? 779 ? 100.000 ? ? ? ? 0.074 ? ? ? ? ? ? ? ? 12.900 ? 1.410 ? ? ? ? 0 16 1 ? ? 
2.240 2.470  ? ? ? ? ? 785 ? 100.000 ? ? ? ? 0.071 ? ? ? ? ? ? ? ? 12.600 ? 1.367 ? ? ? ? 0 17 1 ? ? 
2.470 2.820  ? ? ? ? ? 792 ? 100.000 ? ? ? ? 0.060 ? ? ? ? ? ? ? ? 12.100 ? 1.212 ? ? ? ? 0 18 1 ? ? 
2.820 3.560  ? ? ? ? ? 747 ? 93.100  ? ? ? ? 0.061 ? ? ? ? ? ? ? ? 10.600 ? 1.184 ? ? ? ? 0 19 1 ? ? 
3.560 50.000 ? ? ? ? ? 736 ? 83.700  ? ? ? ? 0.064 ? ? ? ? ? ? ? ? 7.300  ? 1.321 ? ? ? ? 0 20 1 ? ? 
# 
_refine.aniso_B[1][1]                            0.0000 
_refine.aniso_B[1][2]                            0.0000 
_refine.aniso_B[1][3]                            0.0000 
_refine.aniso_B[2][2]                            0.0200 
_refine.aniso_B[2][3]                            0.0000 
_refine.aniso_B[3][3]                            -0.0200 
_refine.B_iso_max                                61.980 
_refine.B_iso_mean                               21.4210 
_refine.B_iso_min                                11.550 
_refine.correlation_coeff_Fo_to_Fc               0.9410 
_refine.correlation_coeff_Fo_to_Fc_free          0.9360 
_refine.details                                  
'HYDROGENS HAVE BEEN USED IF PRESENT IN THE INPUT U VALUES      : REFINED INDIVIDUALLY' 
_refine.diff_density_max                         ? 
_refine.diff_density_max_esd                     ? 
_refine.diff_density_min                         ? 
_refine.diff_density_min_esd                     ? 
_refine.diff_density_rms                         ? 
_refine.diff_density_rms_esd                     ? 
_refine.entry_id                                 4U8B 
_refine.pdbx_refine_id                           'X-RAY DIFFRACTION' 
_refine.ls_abs_structure_details                 ? 
_refine.ls_abs_structure_Flack                   ? 
_refine.ls_abs_structure_Flack_esd               ? 
_refine.ls_abs_structure_Rogers                  ? 
_refine.ls_abs_structure_Rogers_esd              ? 
_refine.ls_d_res_high                            1.3100 
_refine.ls_d_res_low                             16.8700 
_refine.ls_extinction_coef                       ? 
_refine.ls_extinction_coef_esd                   ? 
_refine.ls_extinction_expression                 ? 
_refine.ls_extinction_method                     ? 
_refine.ls_goodness_of_fit_all                   ? 
_refine.ls_goodness_of_fit_all_esd               ? 
_refine.ls_goodness_of_fit_obs                   ? 
_refine.ls_goodness_of_fit_obs_esd               ? 
_refine.ls_hydrogen_treatment                    ? 
_refine.ls_matrix_type                           ? 
_refine.ls_number_constraints                    ? 
_refine.ls_number_parameters                     ? 
_refine.ls_number_reflns_all                     ? 
_refine.ls_number_reflns_obs                     15159 
_refine.ls_number_reflns_R_free                  759 
_refine.ls_number_reflns_R_work                  14400 
_refine.ls_number_restraints                     ? 
_refine.ls_percent_reflns_obs                    98.5400 
_refine.ls_percent_reflns_R_free                 5.0000 
_refine.ls_R_factor_all                          ? 
_refine.ls_R_factor_obs                          0.2417 
_refine.ls_R_factor_R_free                       0.2460 
_refine.ls_R_factor_R_free_error                 ? 
_refine.ls_R_factor_R_free_error_details         ? 
_refine.ls_R_factor_R_work                       0.2415 
_refine.ls_R_Fsqd_factor_obs                     ? 
_refine.ls_R_I_factor_obs                        ? 
_refine.ls_redundancy_reflns_all                 ? 
_refine.ls_redundancy_reflns_obs                 ? 
_refine.ls_restrained_S_all                      ? 
_refine.ls_restrained_S_obs                      ? 
_refine.ls_shift_over_esd_max                    ? 
_refine.ls_shift_over_esd_mean                   ? 
_refine.ls_structure_factor_coef                 ? 
_refine.ls_weighting_details                     ? 
_refine.ls_weighting_scheme                      ? 
_refine.ls_wR_factor_all                         ? 
_refine.ls_wR_factor_obs                         ? 
_refine.ls_wR_factor_R_free                      ? 
_refine.ls_wR_factor_R_work                      ? 
_refine.occupancy_max                            ? 
_refine.occupancy_min                            ? 
_refine.solvent_model_details                    MASK 
_refine.solvent_model_param_bsol                 ? 
_refine.solvent_model_param_ksol                 ? 
_refine.ls_R_factor_gt                           ? 
_refine.ls_goodness_of_fit_gt                    ? 
_refine.ls_goodness_of_fit_ref                   ? 
_refine.ls_shift_over_su_max                     ? 
_refine.ls_shift_over_su_max_lt                  ? 
_refine.ls_shift_over_su_mean                    ? 
_refine.ls_shift_over_su_mean_lt                 ? 
_refine.pdbx_ls_sigma_I                          ? 
_refine.pdbx_ls_sigma_F                          0.000 
_refine.pdbx_ls_sigma_Fsqd                       ? 
_refine.pdbx_data_cutoff_high_absF               ? 
_refine.pdbx_data_cutoff_high_rms_absF           ? 
_refine.pdbx_data_cutoff_low_absF                ? 
_refine.pdbx_isotropic_thermal_model             ? 
_refine.pdbx_ls_cross_valid_method               THROUGHOUT 
_refine.pdbx_method_to_determine_struct          'MOLECULAR REPLACEMENT' 
_refine.pdbx_starting_model                      436D 
_refine.pdbx_stereochemistry_target_values       'MAXIMUM LIKELIHOOD' 
_refine.pdbx_R_Free_selection_details            RANDOM 
_refine.pdbx_stereochem_target_val_spec_case     ? 
_refine.pdbx_overall_ESU_R                       0.0700 
_refine.pdbx_overall_ESU_R_Free                  0.0660 
_refine.pdbx_solvent_vdw_probe_radii             1.2000 
_refine.pdbx_solvent_ion_probe_radii             0.8000 
_refine.pdbx_solvent_shrinkage_radii             0.8000 
_refine.pdbx_real_space_R                        ? 
_refine.pdbx_density_correlation                 ? 
_refine.pdbx_pd_number_of_powder_patterns        ? 
_refine.pdbx_pd_number_of_points                 ? 
_refine.pdbx_pd_meas_number_of_points            ? 
_refine.pdbx_pd_proc_ls_prof_R_factor            ? 
_refine.pdbx_pd_proc_ls_prof_wR_factor           ? 
_refine.pdbx_pd_Marquardt_correlation_coeff      ? 
_refine.pdbx_pd_Fsqrd_R_factor                   ? 
_refine.pdbx_pd_ls_matrix_band_width             ? 
_refine.pdbx_overall_phase_error                 ? 
_refine.pdbx_overall_SU_R_free_Cruickshank_DPI   ? 
_refine.pdbx_overall_SU_R_free_Blow_DPI          ? 
_refine.pdbx_overall_SU_R_Blow_DPI               ? 
_refine.pdbx_TLS_residual_ADP_flag               ? 
_refine.pdbx_diffrn_id                           1 
_refine.overall_SU_B                             1.0770 
_refine.overall_SU_ML                            0.0460 
_refine.overall_SU_R_Cruickshank_DPI             ? 
_refine.overall_SU_R_free                        ? 
_refine.overall_FOM_free_R_set                   ? 
_refine.overall_FOM_work_R_set                   ? 
# 
_refine_hist.cycle_id                         final 
_refine_hist.pdbx_refine_id                   'X-RAY DIFFRACTION' 
_refine_hist.d_res_high                       1.3100 
_refine_hist.d_res_low                        16.8700 
_refine_hist.pdbx_number_atoms_ligand         41 
_refine_hist.number_atoms_solvent             43 
_refine_hist.number_atoms_total               570 
_refine_hist.pdbx_number_residues_total       24 
_refine_hist.pdbx_B_iso_mean_ligand           38.89 
_refine_hist.pdbx_B_iso_mean_solvent          23.89 
_refine_hist.pdbx_number_atoms_protein        0 
_refine_hist.pdbx_number_atoms_nucleic_acid   486 
# 
loop_
_refine_ls_restr.pdbx_refine_id 
_refine_ls_restr.criterion 
_refine_ls_restr.dev_ideal 
_refine_ls_restr.dev_ideal_target 
_refine_ls_restr.number 
_refine_ls_restr.rejects 
_refine_ls_restr.type 
_refine_ls_restr.weight 
_refine_ls_restr.pdbx_restraint_function 
'X-RAY DIFFRACTION' ? 0.019 0.012 589 ? r_bond_refined_d     ? ? 
'X-RAY DIFFRACTION' ? 2.755 1.469 898 ? r_angle_refined_deg  ? ? 
'X-RAY DIFFRACTION' ? 0.114 0.200 72  ? r_chiral_restr       ? ? 
'X-RAY DIFFRACTION' ? 0.036 0.021 304 ? r_gen_planes_refined ? ? 
# 
_refine_ls_shell.pdbx_refine_id                   'X-RAY DIFFRACTION' 
_refine_ls_shell.d_res_high                       1.3100 
_refine_ls_shell.d_res_low                        1.3440 
_refine_ls_shell.number_reflns_all                955 
_refine_ls_shell.number_reflns_obs                ? 
_refine_ls_shell.number_reflns_R_free             37 
_refine_ls_shell.number_reflns_R_work             918 
_refine_ls_shell.percent_reflns_obs               97.0500 
_refine_ls_shell.percent_reflns_R_free            ? 
_refine_ls_shell.R_factor_all                     ? 
_refine_ls_shell.R_factor_obs                     ? 
_refine_ls_shell.R_factor_R_free                  0.2760 
_refine_ls_shell.R_factor_R_free_error            ? 
_refine_ls_shell.R_factor_R_work                  0.2710 
_refine_ls_shell.redundancy_reflns_all            ? 
_refine_ls_shell.redundancy_reflns_obs            ? 
_refine_ls_shell.wR_factor_all                    ? 
_refine_ls_shell.wR_factor_obs                    ? 
_refine_ls_shell.wR_factor_R_free                 ? 
_refine_ls_shell.wR_factor_R_work                 ? 
_refine_ls_shell.pdbx_total_number_of_bins_used   20 
_refine_ls_shell.pdbx_phase_error                 ? 
# 
_struct.entry_id                     4U8B 
_struct.title                        'Crystal structure of D(CGCGAATTCGCG)2 complexed with BPH-1358' 
_struct.pdbx_model_details           ? 
_struct.pdbx_formula_weight          ? 
_struct.pdbx_formula_weight_method   ? 
_struct.pdbx_model_type_details      ? 
_struct.pdbx_CASP_flag               ? 
# 
_struct_keywords.entry_id        4U8B 
_struct_keywords.text            
;Antibacterial Agents, Bisamidines, Minor Groove Binders, Models, Molecular, Nucleic Acid Conformation, Oligodeoxyribonucleotides, DNA-ANTIBIOTIC complex
;
_struct_keywords.pdbx_keywords   DNA/ANTIBIOTIC 
# 
loop_
_struct_asym.id 
_struct_asym.pdbx_blank_PDB_chainid_flag 
_struct_asym.pdbx_modified 
_struct_asym.entity_id 
_struct_asym.details 
A N N 1 ? 
B N N 1 ? 
C N N 2 ? 
D N N 3 ? 
E N N 4 ? 
F N N 4 ? 
# 
loop_
_struct_conn.id 
_struct_conn.conn_type_id 
_struct_conn.pdbx_leaving_atom_flag 
_struct_conn.pdbx_PDB_id 
_struct_conn.ptnr1_label_asym_id 
_struct_conn.ptnr1_label_comp_id 
_struct_conn.ptnr1_label_seq_id 
_struct_conn.ptnr1_label_atom_id 
_struct_conn.pdbx_ptnr1_label_alt_id 
_struct_conn.pdbx_ptnr1_PDB_ins_code 
_struct_conn.pdbx_ptnr1_standard_comp_id 
_struct_conn.ptnr1_symmetry 
_struct_conn.ptnr2_label_asym_id 
_struct_conn.ptnr2_label_comp_id 
_struct_conn.ptnr2_label_seq_id 
_struct_conn.ptnr2_label_atom_id 
_struct_conn.pdbx_ptnr2_label_alt_id 
_struct_conn.pdbx_ptnr2_PDB_ins_code 
_struct_conn.ptnr1_auth_asym_id 
_struct_conn.ptnr1_auth_comp_id 
_struct_conn.ptnr1_auth_seq_id 
_struct_conn.ptnr2_auth_asym_id 
_struct_conn.ptnr2_auth_comp_id 
_struct_conn.ptnr2_auth_seq_id 
_struct_conn.ptnr2_symmetry 
_struct_conn.pdbx_ptnr3_label_atom_id 
_struct_conn.pdbx_ptnr3_label_seq_id 
_struct_conn.pdbx_ptnr3_label_comp_id 
_struct_conn.pdbx_ptnr3_label_asym_id 
_struct_conn.pdbx_ptnr3_label_alt_id 
_struct_conn.pdbx_ptnr3_PDB_ins_code 
_struct_conn.details 
_struct_conn.pdbx_dist_value 
_struct_conn.pdbx_value_order 
_struct_conn.pdbx_role 
metalc1  metalc ? ? C MG .  MG ? ? ? 1_555 E HOH .  O  ? ? A MG 101 A HOH 207 1_555 ? ? ? ? ? ? ?            2.085 ? ? 
metalc2  metalc ? ? C MG .  MG ? ? ? 1_555 E HOH .  O  ? ? A MG 101 A HOH 208 1_555 ? ? ? ? ? ? ?            2.062 ? ? 
metalc3  metalc ? ? C MG .  MG ? ? ? 1_555 E HOH .  O  ? ? A MG 101 A HOH 209 3_655 ? ? ? ? ? ? ?            2.060 ? ? 
metalc4  metalc ? ? C MG .  MG ? ? ? 1_555 E HOH .  O  ? ? A MG 101 A HOH 210 3_655 ? ? ? ? ? ? ?            2.023 ? ? 
metalc5  metalc ? ? C MG .  MG ? ? ? 1_555 E HOH .  O  ? ? A MG 101 A HOH 212 3_655 ? ? ? ? ? ? ?            2.045 ? ? 
metalc6  metalc ? ? C MG .  MG ? ? ? 1_555 F HOH .  O  ? ? A MG 101 B HOH 202 1_555 ? ? ? ? ? ? ?            2.058 ? ? 
hydrog1  hydrog ? ? A DC 1  N3 ? ? ? 1_555 B DG  12 N1 ? ? A DC 1   B DG  24  1_555 ? ? ? ? ? ? WATSON-CRICK ?     ? ? 
hydrog2  hydrog ? ? A DC 1  N4 ? ? ? 1_555 B DG  12 O6 ? ? A DC 1   B DG  24  1_555 ? ? ? ? ? ? WATSON-CRICK ?     ? ? 
hydrog3  hydrog ? ? A DC 1  O2 ? ? ? 1_555 B DG  12 N2 ? ? A DC 1   B DG  24  1_555 ? ? ? ? ? ? WATSON-CRICK ?     ? ? 
hydrog4  hydrog ? ? A DG 2  N1 ? ? ? 1_555 B DC  11 N3 ? ? A DG 2   B DC  23  1_555 ? ? ? ? ? ? WATSON-CRICK ?     ? ? 
hydrog5  hydrog ? ? A DG 2  N2 ? ? ? 1_555 B DC  11 O2 ? ? A DG 2   B DC  23  1_555 ? ? ? ? ? ? WATSON-CRICK ?     ? ? 
hydrog6  hydrog ? ? A DG 2  O6 ? ? ? 1_555 B DC  11 N4 ? ? A DG 2   B DC  23  1_555 ? ? ? ? ? ? WATSON-CRICK ?     ? ? 
hydrog7  hydrog ? ? A DC 3  N3 ? ? ? 1_555 B DG  10 N1 ? ? A DC 3   B DG  22  1_555 ? ? ? ? ? ? WATSON-CRICK ?     ? ? 
hydrog8  hydrog ? ? A DC 3  N4 ? ? ? 1_555 B DG  10 O6 ? ? A DC 3   B DG  22  1_555 ? ? ? ? ? ? WATSON-CRICK ?     ? ? 
hydrog9  hydrog ? ? A DC 3  O2 ? ? ? 1_555 B DG  10 N2 ? ? A DC 3   B DG  22  1_555 ? ? ? ? ? ? WATSON-CRICK ?     ? ? 
hydrog10 hydrog ? ? A DG 4  N1 ? ? ? 1_555 B DC  9  N3 ? ? A DG 4   B DC  21  1_555 ? ? ? ? ? ? WATSON-CRICK ?     ? ? 
hydrog11 hydrog ? ? A DG 4  N2 ? ? ? 1_555 B DC  9  O2 ? ? A DG 4   B DC  21  1_555 ? ? ? ? ? ? WATSON-CRICK ?     ? ? 
hydrog12 hydrog ? ? A DG 4  O6 ? ? ? 1_555 B DC  9  N4 ? ? A DG 4   B DC  21  1_555 ? ? ? ? ? ? WATSON-CRICK ?     ? ? 
hydrog13 hydrog ? ? A DA 5  N1 ? ? ? 1_555 B DT  8  N3 ? ? A DA 5   B DT  20  1_555 ? ? ? ? ? ? WATSON-CRICK ?     ? ? 
hydrog14 hydrog ? ? A DA 5  N6 ? ? ? 1_555 B DT  8  O4 ? ? A DA 5   B DT  20  1_555 ? ? ? ? ? ? WATSON-CRICK ?     ? ? 
hydrog15 hydrog ? ? A DA 6  N1 ? ? ? 1_555 B DT  7  N3 ? ? A DA 6   B DT  19  1_555 ? ? ? ? ? ? WATSON-CRICK ?     ? ? 
hydrog16 hydrog ? ? A DA 6  N6 ? ? ? 1_555 B DT  7  O4 ? ? A DA 6   B DT  19  1_555 ? ? ? ? ? ? WATSON-CRICK ?     ? ? 
hydrog17 hydrog ? ? A DT 7  N3 ? ? ? 1_555 B DA  6  N1 ? ? A DT 7   B DA  18  1_555 ? ? ? ? ? ? WATSON-CRICK ?     ? ? 
hydrog18 hydrog ? ? A DT 7  O4 ? ? ? 1_555 B DA  6  N6 ? ? A DT 7   B DA  18  1_555 ? ? ? ? ? ? WATSON-CRICK ?     ? ? 
hydrog19 hydrog ? ? A DT 8  N3 ? ? ? 1_555 B DA  5  N1 ? ? A DT 8   B DA  17  1_555 ? ? ? ? ? ? WATSON-CRICK ?     ? ? 
hydrog20 hydrog ? ? A DT 8  O4 ? ? ? 1_555 B DA  5  N6 ? ? A DT 8   B DA  17  1_555 ? ? ? ? ? ? WATSON-CRICK ?     ? ? 
hydrog21 hydrog ? ? A DC 9  N3 ? ? ? 1_555 B DG  4  N1 ? ? A DC 9   B DG  16  1_555 ? ? ? ? ? ? WATSON-CRICK ?     ? ? 
hydrog22 hydrog ? ? A DC 9  N4 ? ? ? 1_555 B DG  4  O6 ? ? A DC 9   B DG  16  1_555 ? ? ? ? ? ? WATSON-CRICK ?     ? ? 
hydrog23 hydrog ? ? A DC 9  O2 ? ? ? 1_555 B DG  4  N2 ? ? A DC 9   B DG  16  1_555 ? ? ? ? ? ? WATSON-CRICK ?     ? ? 
hydrog24 hydrog ? ? A DG 10 N1 ? ? ? 1_555 B DC  3  N3 ? ? A DG 10  B DC  15  1_555 ? ? ? ? ? ? WATSON-CRICK ?     ? ? 
hydrog25 hydrog ? ? A DG 10 N2 ? ? ? 1_555 B DC  3  O2 ? ? A DG 10  B DC  15  1_555 ? ? ? ? ? ? WATSON-CRICK ?     ? ? 
hydrog26 hydrog ? ? A DG 10 O6 ? ? ? 1_555 B DC  3  N4 ? ? A DG 10  B DC  15  1_555 ? ? ? ? ? ? WATSON-CRICK ?     ? ? 
hydrog27 hydrog ? ? A DC 11 N3 ? ? ? 1_555 B DG  2  N1 ? ? A DC 11  B DG  14  1_555 ? ? ? ? ? ? WATSON-CRICK ?     ? ? 
hydrog28 hydrog ? ? A DC 11 N4 ? ? ? 1_555 B DG  2  O6 ? ? A DC 11  B DG  14  1_555 ? ? ? ? ? ? WATSON-CRICK ?     ? ? 
hydrog29 hydrog ? ? A DC 11 O2 ? ? ? 1_555 B DG  2  N2 ? ? A DC 11  B DG  14  1_555 ? ? ? ? ? ? WATSON-CRICK ?     ? ? 
hydrog30 hydrog ? ? A DG 12 N1 ? ? ? 1_555 B DC  1  N3 ? ? A DG 12  B DC  13  1_555 ? ? ? ? ? ? WATSON-CRICK ?     ? ? 
hydrog31 hydrog ? ? A DG 12 N2 ? ? ? 1_555 B DC  1  O2 ? ? A DG 12  B DC  13  1_555 ? ? ? ? ? ? WATSON-CRICK ?     ? ? 
hydrog32 hydrog ? ? A DG 12 O6 ? ? ? 1_555 B DC  1  N4 ? ? A DG 12  B DC  13  1_555 ? ? ? ? ? ? WATSON-CRICK ?     ? ? 
# 
loop_
_struct_conn_type.id 
_struct_conn_type.criteria 
_struct_conn_type.reference 
metalc ? ? 
hydrog ? ? 
# 
loop_
_struct_site.id 
_struct_site.pdbx_evidence_code 
_struct_site.pdbx_auth_asym_id 
_struct_site.pdbx_auth_comp_id 
_struct_site.pdbx_auth_seq_id 
_struct_site.pdbx_auth_ins_code 
_struct_site.pdbx_num_residues 
_struct_site.details 
AC1 Software A MG  101 ? 6  'binding site for residue MG A 101'  
AC2 Software B 3F2 101 ? 15 'binding site for residue 3F2 B 101' 
# 
loop_
_struct_site_gen.id 
_struct_site_gen.site_id 
_struct_site_gen.pdbx_num_res 
_struct_site_gen.label_comp_id 
_struct_site_gen.label_asym_id 
_struct_site_gen.label_seq_id 
_struct_site_gen.pdbx_auth_ins_code 
_struct_site_gen.auth_comp_id 
_struct_site_gen.auth_asym_id 
_struct_site_gen.auth_seq_id 
_struct_site_gen.label_atom_id 
_struct_site_gen.label_alt_id 
_struct_site_gen.symmetry 
_struct_site_gen.details 
1  AC1 6  HOH E .  ? HOH A 207 . ? 1_555 ? 
2  AC1 6  HOH E .  ? HOH A 208 . ? 1_555 ? 
3  AC1 6  HOH E .  ? HOH A 209 . ? 3_655 ? 
4  AC1 6  HOH E .  ? HOH A 210 . ? 3_655 ? 
5  AC1 6  HOH E .  ? HOH A 212 . ? 3_655 ? 
6  AC1 6  HOH F .  ? HOH B 202 . ? 1_555 ? 
7  AC2 15 DG  A 4  ? DG  A 4   . ? 1_555 ? 
8  AC2 15 DA  A 5  ? DA  A 5   . ? 1_555 ? 
9  AC2 15 DA  A 6  ? DA  A 6   . ? 1_555 ? 
10 AC2 15 DT  A 7  ? DT  A 7   . ? 1_555 ? 
11 AC2 15 DT  A 8  ? DT  A 8   . ? 1_555 ? 
12 AC2 15 DC  A 9  ? DC  A 9   . ? 1_555 ? 
13 AC2 15 DG  A 10 ? DG  A 10  . ? 1_555 ? 
14 AC2 15 HOH E .  ? HOH A 218 . ? 1_555 ? 
15 AC2 15 DG  B 4  ? DG  B 16  . ? 1_555 ? 
16 AC2 15 DA  B 5  ? DA  B 17  . ? 1_555 ? 
17 AC2 15 DA  B 6  ? DA  B 18  . ? 1_555 ? 
18 AC2 15 DT  B 7  ? DT  B 19  . ? 1_555 ? 
19 AC2 15 DT  B 8  ? DT  B 20  . ? 1_555 ? 
20 AC2 15 DC  B 9  ? DC  B 21  . ? 1_555 ? 
21 AC2 15 DG  B 12 ? DG  B 24  . ? 2_555 ? 
# 
_atom_sites.entry_id                    4U8B 
_atom_sites.fract_transf_matrix[1][1]   -0.00747862 
_atom_sites.fract_transf_matrix[1][2]   0.01483937 
_atom_sites.fract_transf_matrix[1][3]   -0.03865884 
_atom_sites.fract_transf_matrix[2][1]   0.01891017 
_atom_sites.fract_transf_matrix[2][2]   0.01671384 
_atom_sites.fract_transf_matrix[2][3]   0.00275748 
_atom_sites.fract_transf_matrix[3][1]   0.00983925 
_atom_sites.fract_transf_matrix[3][2]   -0.01017387 
_atom_sites.fract_transf_matrix[3][3]   -0.00580870 
_atom_sites.fract_transf_vector[1]      0.419228 
_atom_sites.fract_transf_vector[2]      0.021034 
_atom_sites.fract_transf_vector[3]      0.361247 
# 
loop_
_atom_type.symbol 
C  
MG 
N  
O  
P  
# 
loop_
_atom_site.group_PDB 
_atom_site.id 
_atom_site.type_symbol 
_atom_site.label_atom_id 
_atom_site.label_alt_id 
_atom_site.label_comp_id 
_atom_site.label_asym_id 
_atom_site.label_entity_id 
_atom_site.label_seq_id 
_atom_site.pdbx_PDB_ins_code 
_atom_site.Cartn_x 
_atom_site.Cartn_y 
_atom_site.Cartn_z 
_atom_site.occupancy 
_atom_site.B_iso_or_equiv 
_atom_site.pdbx_formal_charge 
_atom_site.auth_seq_id 
_atom_site.auth_comp_id 
_atom_site.auth_asym_id 
_atom_site.auth_atom_id 
_atom_site.pdbx_PDB_model_num 
ATOM   1   O  "O5'" . DC  A 1 1  ? 1.448   16.614  12.208  1.00 27.77 ? 1   DC  A "O5'" 1 
ATOM   2   C  "C5'" . DC  A 1 1  ? 0.246   16.493  11.454  1.00 20.19 ? 1   DC  A "C5'" 1 
ATOM   3   C  "C4'" . DC  A 1 1  ? -0.567  15.436  12.160  1.00 18.83 ? 1   DC  A "C4'" 1 
ATOM   4   O  "O4'" . DC  A 1 1  ? -1.877  15.308  11.591  1.00 18.81 ? 1   DC  A "O4'" 1 
ATOM   5   C  "C3'" . DC  A 1 1  ? 0.038   14.029  12.057  1.00 18.71 ? 1   DC  A "C3'" 1 
ATOM   6   O  "O3'" . DC  A 1 1  ? -0.113  13.365  13.323  1.00 19.00 ? 1   DC  A "O3'" 1 
ATOM   7   C  "C2'" . DC  A 1 1  ? -0.708  13.393  10.889  1.00 18.68 ? 1   DC  A "C2'" 1 
ATOM   8   C  "C1'" . DC  A 1 1  ? -2.087  13.997  11.084  1.00 17.59 ? 1   DC  A "C1'" 1 
ATOM   9   N  N1    . DC  A 1 1  ? -2.913  14.148  9.898   1.00 16.21 ? 1   DC  A N1    1 
ATOM   10  C  C2    . DC  A 1 1  ? -4.268  13.825  10.032  1.00 17.27 ? 1   DC  A C2    1 
ATOM   11  O  O2    . DC  A 1 1  ? -4.669  13.341  11.099  1.00 19.06 ? 1   DC  A O2    1 
ATOM   12  N  N3    . DC  A 1 1  ? -5.084  14.013  9.000   1.00 16.25 ? 1   DC  A N3    1 
ATOM   13  C  C4    . DC  A 1 1  ? -4.631  14.540  7.868   1.00 14.49 ? 1   DC  A C4    1 
ATOM   14  N  N4    . DC  A 1 1  ? -5.510  14.707  6.883   1.00 16.69 ? 1   DC  A N4    1 
ATOM   15  C  C5    . DC  A 1 1  ? -3.254  14.807  7.670   1.00 15.10 ? 1   DC  A C5    1 
ATOM   16  C  C6    . DC  A 1 1  ? -2.457  14.701  8.740   1.00 16.41 ? 1   DC  A C6    1 
ATOM   17  P  P     . DG  A 1 2  ? 0.553   11.998  13.588  1.00 21.13 ? 2   DG  A P     1 
ATOM   18  O  OP1   . DG  A 1 2  ? 0.858   11.986  15.069  1.00 24.19 ? 2   DG  A OP1   1 
ATOM   19  O  OP2   . DG  A 1 2  ? 1.627   11.726  12.624  1.00 20.59 ? 2   DG  A OP2   1 
ATOM   20  O  "O5'" . DG  A 1 2  ? -0.586  10.963  13.266  1.00 18.81 ? 2   DG  A "O5'" 1 
ATOM   21  C  "C5'" . DG  A 1 2  ? -1.686  10.821  14.193  1.00 19.67 ? 2   DG  A "C5'" 1 
ATOM   22  C  "C4'" . DG  A 1 2  ? -2.390  9.542   13.800  1.00 15.89 ? 2   DG  A "C4'" 1 
ATOM   23  O  "O4'" . DG  A 1 2  ? -3.214  9.794   12.646  1.00 16.10 ? 2   DG  A "O4'" 1 
ATOM   24  C  "C3'" . DG  A 1 2  ? -1.491  8.382   13.395  1.00 17.02 ? 2   DG  A "C3'" 1 
ATOM   25  O  "O3'" . DG  A 1 2  ? -2.053  7.215   14.031  1.00 19.10 ? 2   DG  A "O3'" 1 
ATOM   26  C  "C2'" . DG  A 1 2  ? -1.574  8.320   11.871  1.00 14.25 ? 2   DG  A "C2'" 1 
ATOM   27  C  "C1'" . DG  A 1 2  ? -2.990  8.836   11.619  1.00 13.72 ? 2   DG  A "C1'" 1 
ATOM   28  N  N9    . DG  A 1 2  ? -3.173  9.528   10.339  1.00 12.80 ? 2   DG  A N9    1 
ATOM   29  C  C8    . DG  A 1 2  ? -2.264  10.284  9.619   1.00 13.84 ? 2   DG  A C8    1 
ATOM   30  N  N7    . DG  A 1 2  ? -2.791  10.801  8.536   1.00 13.69 ? 2   DG  A N7    1 
ATOM   31  C  C5    . DG  A 1 2  ? -4.136  10.447  8.603   1.00 12.78 ? 2   DG  A C5    1 
ATOM   32  C  C6    . DG  A 1 2  ? -5.200  10.747  7.744   1.00 12.86 ? 2   DG  A C6    1 
ATOM   33  O  O6    . DG  A 1 2  ? -5.179  11.414  6.704   1.00 13.06 ? 2   DG  A O6    1 
ATOM   34  N  N1    . DG  A 1 2  ? -6.396  10.166  8.173   1.00 12.61 ? 2   DG  A N1    1 
ATOM   35  C  C2    . DG  A 1 2  ? -6.537  9.377   9.293   1.00 13.14 ? 2   DG  A C2    1 
ATOM   36  N  N2    . DG  A 1 2  ? -7.768  8.902   9.556   1.00 13.44 ? 2   DG  A N2    1 
ATOM   37  N  N3    . DG  A 1 2  ? -5.552  9.129   10.130  1.00 12.80 ? 2   DG  A N3    1 
ATOM   38  C  C4    . DG  A 1 2  ? -4.383  9.658   9.710   1.00 12.41 ? 2   DG  A C4    1 
ATOM   39  P  P     . DC  A 1 3  ? -1.349  5.813   14.117  1.00 18.82 ? 3   DC  A P     1 
ATOM   40  O  OP1   . DC  A 1 3  ? -1.345  5.602   15.554  1.00 20.42 ? 3   DC  A OP1   1 
ATOM   41  O  OP2   . DC  A 1 3  ? -0.120  5.772   13.432  1.00 22.71 ? 3   DC  A OP2   1 
ATOM   42  O  "O5'" . DC  A 1 3  ? -2.298  4.817   13.343  1.00 18.57 ? 3   DC  A "O5'" 1 
ATOM   43  C  "C5'" . DC  A 1 3  ? -3.602  4.611   13.845  1.00 17.20 ? 3   DC  A "C5'" 1 
ATOM   44  C  "C4'" . DC  A 1 3  ? -4.592  4.370   12.733  1.00 16.04 ? 3   DC  A "C4'" 1 
ATOM   45  O  "O4'" . DC  A 1 3  ? -4.613  5.505   11.872  1.00 16.70 ? 3   DC  A "O4'" 1 
ATOM   46  C  "C3'" . DC  A 1 3  ? -4.289  3.203   11.806  1.00 17.10 ? 3   DC  A "C3'" 1 
ATOM   47  O  "O3'" . DC  A 1 3  ? -4.798  2.034   12.404  1.00 18.42 ? 3   DC  A "O3'" 1 
ATOM   48  C  "C2'" . DC  A 1 3  ? -5.096  3.574   10.582  1.00 19.85 ? 3   DC  A "C2'" 1 
ATOM   49  C  "C1'" . DC  A 1 3  ? -5.093  5.090   10.601  1.00 16.61 ? 3   DC  A "C1'" 1 
ATOM   50  N  N1    . DC  A 1 3  ? -4.283  5.755   9.571   1.00 14.23 ? 3   DC  A N1    1 
ATOM   51  C  C2    . DC  A 1 3  ? -4.944  6.310   8.482   1.00 13.14 ? 3   DC  A C2    1 
ATOM   52  O  O2    . DC  A 1 3  ? -6.156  6.156   8.391   1.00 13.66 ? 3   DC  A O2    1 
ATOM   53  N  N3    . DC  A 1 3  ? -4.238  6.981   7.554   1.00 12.06 ? 3   DC  A N3    1 
ATOM   54  C  C4    . DC  A 1 3  ? -2.922  7.110   7.690   1.00 12.36 ? 3   DC  A C4    1 
ATOM   55  N  N4    . DC  A 1 3  ? -2.269  7.818   6.784   1.00 13.60 ? 3   DC  A N4    1 
ATOM   56  C  C5    . DC  A 1 3  ? -2.219  6.535   8.782   1.00 14.43 ? 3   DC  A C5    1 
ATOM   57  C  C6    . DC  A 1 3  ? -2.929  5.866   9.684   1.00 14.74 ? 3   DC  A C6    1 
ATOM   58  P  P     . DG  A 1 4  ? -4.546  0.580   11.846  1.00 20.34 ? 4   DG  A P     1 
ATOM   59  O  OP1   . DG  A 1 4  ? -4.816  -0.381  12.923  1.00 23.81 ? 4   DG  A OP1   1 
ATOM   60  O  OP2   . DG  A 1 4  ? -3.304  0.517   11.231  1.00 20.17 ? 4   DG  A OP2   1 
ATOM   61  O  "O5'" . DG  A 1 4  ? -5.673  0.473   10.724  1.00 18.35 ? 4   DG  A "O5'" 1 
ATOM   62  C  "C5'" . DG  A 1 4  ? -7.052  0.504   11.012  1.00 19.50 ? 4   DG  A "C5'" 1 
ATOM   63  C  "C4'" . DG  A 1 4  ? -7.882  0.457   9.751   1.00 20.73 ? 4   DG  A "C4'" 1 
ATOM   64  O  "O4'" . DG  A 1 4  ? -7.550  1.518   8.832   1.00 18.23 ? 4   DG  A "O4'" 1 
ATOM   65  C  "C3'" . DG  A 1 4  ? -7.774  -0.828  8.946   1.00 22.51 ? 4   DG  A "C3'" 1 
ATOM   66  O  "O3'" . DG  A 1 4  ? -9.099  -1.075  8.498   1.00 26.25 ? 4   DG  A "O3'" 1 
ATOM   67  C  "C2'" . DG  A 1 4  ? -6.715  -0.493  7.911   1.00 20.07 ? 4   DG  A "C2'" 1 
ATOM   68  C  "C1'" . DG  A 1 4  ? -6.961  0.982   7.652   1.00 17.88 ? 4   DG  A "C1'" 1 
ATOM   69  N  N9    . DG  A 1 4  ? -5.767  1.759   7.343   1.00 15.29 ? 4   DG  A N9    1 
ATOM   70  C  C8    . DG  A 1 4  ? -4.511  1.624   7.871   1.00 15.70 ? 4   DG  A C8    1 
ATOM   71  N  N7    . DG  A 1 4  ? -3.660  2.489   7.399   1.00 16.60 ? 4   DG  A N7    1 
ATOM   72  C  C5    . DG  A 1 4  ? -4.381  3.185   6.439   1.00 13.49 ? 4   DG  A C5    1 
ATOM   73  C  C6    . DG  A 1 4  ? -3.983  4.224   5.553   1.00 13.03 ? 4   DG  A C6    1 
ATOM   74  O  O6    . DG  A 1 4  ? -2.896  4.777   5.455   1.00 13.69 ? 4   DG  A O6    1 
ATOM   75  N  N1    . DG  A 1 4  ? -5.033  4.629   4.748   1.00 13.01 ? 4   DG  A N1    1 
ATOM   76  C  C2    . DG  A 1 4  ? -6.290  4.108   4.771   1.00 13.23 ? 4   DG  A C2    1 
ATOM   77  N  N2    . DG  A 1 4  ? -7.164  4.645   3.924   1.00 14.88 ? 4   DG  A N2    1 
ATOM   78  N  N3    . DG  A 1 4  ? -6.679  3.164   5.597   1.00 15.07 ? 4   DG  A N3    1 
ATOM   79  C  C4    . DG  A 1 4  ? -5.676  2.733   6.379   1.00 14.53 ? 4   DG  A C4    1 
ATOM   80  P  P     . DA  A 1 5  ? -9.494  -2.268  7.577   1.00 31.14 ? 5   DA  A P     1 
ATOM   81  O  OP1   . DA  A 1 5  ? -10.887 -2.491  7.852   1.00 36.35 ? 5   DA  A OP1   1 
ATOM   82  O  OP2   . DA  A 1 5  ? -8.517  -3.259  7.610   1.00 22.39 ? 5   DA  A OP2   1 
ATOM   83  O  "O5'" . DA  A 1 5  ? -9.422  -1.749  6.068   1.00 23.99 ? 5   DA  A "O5'" 1 
ATOM   84  C  "C5'" . DA  A 1 5  ? -10.345 -0.811  5.593   1.00 25.81 ? 5   DA  A "C5'" 1 
ATOM   85  C  "C4'" . DA  A 1 5  ? -9.973  -0.423  4.187   1.00 19.14 ? 5   DA  A "C4'" 1 
ATOM   86  O  "O4'" . DA  A 1 5  ? -8.713  0.277   4.169   1.00 18.79 ? 5   DA  A "O4'" 1 
ATOM   87  C  "C3'" . DA  A 1 5  ? -9.827  -1.598  3.225   1.00 20.33 ? 5   DA  A "C3'" 1 
ATOM   88  O  "O3'" . DA  A 1 5  ? -10.673 -1.268  2.133   1.00 17.49 ? 5   DA  A "O3'" 1 
ATOM   89  C  "C2'" . DA  A 1 5  ? -8.339  -1.626  2.897   1.00 18.25 ? 5   DA  A "C2'" 1 
ATOM   90  C  "C1'" . DA  A 1 5  ? -7.919  -0.186  3.107   1.00 16.41 ? 5   DA  A "C1'" 1 
ATOM   91  N  N9    . DA  A 1 5  ? -6.530  0.014   3.500   1.00 15.56 ? 5   DA  A N9    1 
ATOM   92  C  C8    . DA  A 1 5  ? -5.853  -0.657  4.483   1.00 17.19 ? 5   DA  A C8    1 
ATOM   93  N  N7    . DA  A 1 5  ? -4.635  -0.227  4.673   1.00 16.28 ? 5   DA  A N7    1 
ATOM   94  C  C5    . DA  A 1 5  ? -4.495  0.795   3.749   1.00 13.56 ? 5   DA  A C5    1 
ATOM   95  C  C6    . DA  A 1 5  ? -3.438  1.666   3.460   1.00 13.41 ? 5   DA  A C6    1 
ATOM   96  N  N6    . DA  A 1 5  ? -2.260  1.627   4.072   1.00 14.60 ? 5   DA  A N6    1 
ATOM   97  N  N1    . DA  A 1 5  ? -3.622  2.564   2.474   1.00 13.38 ? 5   DA  A N1    1 
ATOM   98  C  C2    . DA  A 1 5  ? -4.806  2.616   1.872   1.00 14.70 ? 5   DA  A C2    1 
ATOM   99  N  N3    . DA  A 1 5  ? -5.882  1.873   2.073   1.00 15.80 ? 5   DA  A N3    1 
ATOM   100 C  C4    . DA  A 1 5  ? -5.661  0.970   3.036   1.00 14.69 ? 5   DA  A C4    1 
ATOM   101 P  P     . DA  A 1 6  ? -10.696 -2.026  0.747   1.00 18.04 ? 6   DA  A P     1 
ATOM   102 O  OP1   . DA  A 1 6  ? -12.087 -1.672  0.224   1.00 20.18 ? 6   DA  A OP1   1 
ATOM   103 O  OP2   . DA  A 1 6  ? -10.330 -3.376  0.874   1.00 17.78 ? 6   DA  A OP2   1 
ATOM   104 O  "O5'" . DA  A 1 6  ? -9.560  -1.386  -0.143  1.00 16.43 ? 6   DA  A "O5'" 1 
ATOM   105 C  "C5'" . DA  A 1 6  ? -9.741  -0.083  -0.645  1.00 15.93 ? 6   DA  A "C5'" 1 
ATOM   106 C  "C4'" . DA  A 1 6  ? -8.640  0.251   -1.617  1.00 15.04 ? 6   DA  A "C4'" 1 
ATOM   107 O  "O4'" . DA  A 1 6  ? -7.388  0.442   -0.944  1.00 18.27 ? 6   DA  A "O4'" 1 
ATOM   108 C  "C3'" . DA  A 1 6  ? -8.399  -0.810  -2.675  1.00 15.76 ? 6   DA  A "C3'" 1 
ATOM   109 O  "O3'" . DA  A 1 6  ? -8.533  -0.167  -3.932  1.00 16.25 ? 6   DA  A "O3'" 1 
ATOM   110 C  "C2'" . DA  A 1 6  ? -7.006  -1.334  -2.420  1.00 15.78 ? 6   DA  A "C2'" 1 
ATOM   111 C  "C1'" . DA  A 1 6  ? -6.351  -0.212  -1.634  1.00 14.76 ? 6   DA  A "C1'" 1 
ATOM   112 N  N9    . DA  A 1 6  ? -5.408  -0.640  -0.613  1.00 14.47 ? 6   DA  A N9    1 
ATOM   113 C  C8    . DA  A 1 6  ? -5.562  -1.597  0.355   1.00 14.82 ? 6   DA  A C8    1 
ATOM   114 N  N7    . DA  A 1 6  ? -4.547  -1.695  1.175   1.00 14.97 ? 6   DA  A N7    1 
ATOM   115 C  C5    . DA  A 1 6  ? -3.651  -0.766  0.694   1.00 13.48 ? 6   DA  A C5    1 
ATOM   116 C  C6    . DA  A 1 6  ? -2.349  -0.412  1.100   1.00 12.85 ? 6   DA  A C6    1 
ATOM   117 N  N6    . DA  A 1 6  ? -1.773  -0.924  2.182   1.00 15.50 ? 6   DA  A N6    1 
ATOM   118 N  N1    . DA  A 1 6  ? -1.733  0.587   0.432   1.00 14.12 ? 6   DA  A N1    1 
ATOM   119 C  C2    . DA  A 1 6  ? -2.347  1.149   -0.609  1.00 14.57 ? 6   DA  A C2    1 
ATOM   120 N  N3    . DA  A 1 6  ? -3.572  0.893   -1.097  1.00 14.37 ? 6   DA  A N3    1 
ATOM   121 C  C4    . DA  A 1 6  ? -4.159  -0.108  -0.413  1.00 13.56 ? 6   DA  A C4    1 
ATOM   122 P  P     . DT  A 1 7  ? -8.230  -0.867  -5.311  1.00 15.47 ? 7   DT  A P     1 
ATOM   123 O  OP1   . DT  A 1 7  ? -9.072  -0.156  -6.262  1.00 16.65 ? 7   DT  A OP1   1 
ATOM   124 O  OP2   . DT  A 1 7  ? -8.326  -2.299  -5.245  1.00 15.30 ? 7   DT  A OP2   1 
ATOM   125 O  "O5'" . DT  A 1 7  ? -6.709  -0.541  -5.544  1.00 16.14 ? 7   DT  A "O5'" 1 
ATOM   126 C  "C5'" . DT  A 1 7  ? -6.274  0.819   -5.604  1.00 17.09 ? 7   DT  A "C5'" 1 
ATOM   127 C  "C4'" . DT  A 1 7  ? -4.774  0.893   -5.732  1.00 18.43 ? 7   DT  A "C4'" 1 
ATOM   128 O  "O4'" . DT  A 1 7  ? -4.185  0.375   -4.524  1.00 17.47 ? 7   DT  A "O4'" 1 
ATOM   129 C  "C3'" . DT  A 1 7  ? -4.198  0.045   -6.861  1.00 18.18 ? 7   DT  A "C3'" 1 
ATOM   130 O  "O3'" . DT  A 1 7  ? -3.613  0.937   -7.819  1.00 21.25 ? 7   DT  A "O3'" 1 
ATOM   131 C  "C2'" . DT  A 1 7  ? -3.258  -0.927  -6.189  1.00 17.45 ? 7   DT  A "C2'" 1 
ATOM   132 C  "C1'" . DT  A 1 7  ? -2.963  -0.263  -4.856  1.00 16.96 ? 7   DT  A "C1'" 1 
ATOM   133 N  N1    . DT  A 1 7  ? -2.626  -1.146  -3.752  1.00 15.54 ? 7   DT  A N1    1 
ATOM   134 C  C2    . DT  A 1 7  ? -1.409  -0.941  -3.145  1.00 15.49 ? 7   DT  A C2    1 
ATOM   135 O  O2    . DT  A 1 7  ? -0.645  -0.049  -3.495  1.00 16.82 ? 7   DT  A O2    1 
ATOM   136 N  N3    . DT  A 1 7  ? -1.167  -1.735  -2.069  1.00 14.36 ? 7   DT  A N3    1 
ATOM   137 C  C4    . DT  A 1 7  ? -1.979  -2.745  -1.571  1.00 12.81 ? 7   DT  A C4    1 
ATOM   138 O  O4    . DT  A 1 7  ? -1.674  -3.345  -0.565  1.00 14.04 ? 7   DT  A O4    1 
ATOM   139 C  C5    . DT  A 1 7  ? -3.222  -2.953  -2.293  1.00 13.10 ? 7   DT  A C5    1 
ATOM   140 C  C7    . DT  A 1 7  ? -4.106  -4.083  -1.873  1.00 17.39 ? 7   DT  A C7    1 
ATOM   141 C  C6    . DT  A 1 7  ? -3.477  -2.166  -3.339  1.00 14.58 ? 7   DT  A C6    1 
ATOM   142 P  P     . DT  A 1 8  ? -2.954  0.449   -9.185  1.00 21.84 ? 8   DT  A P     1 
ATOM   143 O  OP1   . DT  A 1 8  ? -3.115  1.644   -10.085 1.00 23.99 ? 8   DT  A OP1   1 
ATOM   144 O  OP2   . DT  A 1 8  ? -3.435  -0.872  -9.563  1.00 22.68 ? 8   DT  A OP2   1 
ATOM   145 O  "O5'" . DT  A 1 8  ? -1.420  0.214   -8.817  1.00 20.08 ? 8   DT  A "O5'" 1 
ATOM   146 C  "C5'" . DT  A 1 8  ? -0.693  1.340   -8.278  1.00 21.68 ? 8   DT  A "C5'" 1 
ATOM   147 C  "C4'" . DT  A 1 8  ? 0.678   0.879   -7.863  1.00 20.52 ? 8   DT  A "C4'" 1 
ATOM   148 O  "O4'" . DT  A 1 8  ? 0.450   0.025   -6.761  1.00 17.96 ? 8   DT  A "O4'" 1 
ATOM   149 C  "C3'" . DT  A 1 8  ? 1.371   -0.004  -8.890  1.00 21.30 ? 8   DT  A "C3'" 1 
ATOM   150 O  "O3'" . DT  A 1 8  ? 2.441   0.829   -9.324  1.00 23.58 ? 8   DT  A "O3'" 1 
ATOM   151 C  "C2'" . DT  A 1 8  ? 1.889   -1.205  -8.114  1.00 20.73 ? 8   DT  A "C2'" 1 
ATOM   152 C  "C1'" . DT  A 1 8  ? 1.544   -0.877  -6.675  1.00 19.07 ? 8   DT  A "C1'" 1 
ATOM   153 N  N1    . DT  A 1 8  ? 1.125   -2.005  -5.849  1.00 17.44 ? 8   DT  A N1    1 
ATOM   154 C  C2    . DT  A 1 8  ? 1.857   -2.298  -4.749  1.00 17.08 ? 8   DT  A C2    1 
ATOM   155 O  O2    . DT  A 1 8  ? 2.892   -1.727  -4.477  1.00 18.91 ? 8   DT  A O2    1 
ATOM   156 N  N3    . DT  A 1 8  ? 1.375   -3.327  -3.992  1.00 16.66 ? 8   DT  A N3    1 
ATOM   157 C  C4    . DT  A 1 8  ? 0.225   -4.046  -4.203  1.00 16.33 ? 8   DT  A C4    1 
ATOM   158 O  O4    . DT  A 1 8  ? -0.110  -4.871  -3.364  1.00 17.64 ? 8   DT  A O4    1 
ATOM   159 C  C5    . DT  A 1 8  ? -0.502  -3.692  -5.392  1.00 16.69 ? 8   DT  A C5    1 
ATOM   160 C  C7    . DT  A 1 8  ? -1.756  -4.436  -5.730  1.00 19.36 ? 8   DT  A C7    1 
ATOM   161 C  C6    . DT  A 1 8  ? -0.028  -2.701  -6.145  1.00 17.94 ? 8   DT  A C6    1 
ATOM   162 P  P     . DC  A 1 9  ? 3.599   0.366   -10.358 1.00 22.89 ? 9   DC  A P     1 
ATOM   163 O  OP1   . DC  A 1 9  ? 4.114   1.582   -10.907 1.00 26.05 ? 9   DC  A OP1   1 
ATOM   164 O  OP2   . DC  A 1 9  ? 3.235   -0.706  -11.192 1.00 24.45 ? 9   DC  A OP2   1 
ATOM   165 O  "O5'" . DC  A 1 9  ? 4.722   -0.202  -9.406  1.00 22.42 ? 9   DC  A "O5'" 1 
ATOM   166 C  "C5'" . DC  A 1 9  ? 5.252   0.625   -8.398  1.00 23.17 ? 9   DC  A "C5'" 1 
ATOM   167 C  "C4'" . DC  A 1 9  ? 6.162   -0.175  -7.500  1.00 26.74 ? 9   DC  A "C4'" 1 
ATOM   168 O  "O4'" . DC  A 1 9  ? 5.405   -1.218  -6.863  1.00 22.99 ? 9   DC  A "O4'" 1 
ATOM   169 C  "C3'" . DC  A 1 9  ? 7.349   -0.849  -8.171  1.00 31.44 ? 9   DC  A "C3'" 1 
ATOM   170 O  "O3'" . DC  A 1 9  ? 8.461   -0.366  -7.409  1.00 32.64 ? 9   DC  A "O3'" 1 
ATOM   171 C  "C2'" . DC  A 1 9  ? 7.059   -2.332  -8.029  1.00 25.35 ? 9   DC  A "C2'" 1 
ATOM   172 C  "C1'" . DC  A 1 9  ? 6.164   -2.396  -6.799  1.00 21.34 ? 9   DC  A "C1'" 1 
ATOM   173 N  N1    . DC  A 1 9  ? 5.192   -3.486  -6.711  1.00 20.55 ? 9   DC  A N1    1 
ATOM   174 C  C2    . DC  A 1 9  ? 5.154   -4.291  -5.578  1.00 19.19 ? 9   DC  A C2    1 
ATOM   175 O  O2    . DC  A 1 9  ? 6.060   -4.203  -4.753  1.00 19.97 ? 9   DC  A O2    1 
ATOM   176 N  N3    . DC  A 1 9  ? 4.171   -5.200  -5.455  1.00 18.90 ? 9   DC  A N3    1 
ATOM   177 C  C4    . DC  A 1 9  ? 3.207   -5.265  -6.372  1.00 16.79 ? 9   DC  A C4    1 
ATOM   178 N  N4    . DC  A 1 9  ? 2.223   -6.140  -6.186  1.00 18.91 ? 9   DC  A N4    1 
ATOM   179 C  C5    . DC  A 1 9  ? 3.205   -4.431  -7.517  1.00 18.86 ? 9   DC  A C5    1 
ATOM   180 C  C6    . DC  A 1 9  ? 4.179   -3.533  -7.621  1.00 20.98 ? 9   DC  A C6    1 
ATOM   181 P  P     . DG  A 1 10 ? 9.968   -0.119  -7.835  1.00 35.13 ? 10  DG  A P     1 
ATOM   182 O  OP1   . DG  A 1 10 ? 10.657  0.866   -6.987  1.00 37.65 ? 10  DG  A OP1   1 
ATOM   183 O  OP2   . DG  A 1 10 ? 9.995   -0.036  -9.276  1.00 31.06 ? 10  DG  A OP2   1 
ATOM   184 O  "O5'" . DG  A 1 10 ? 10.461  -1.630  -7.799  1.00 35.60 ? 10  DG  A "O5'" 1 
ATOM   185 C  "C5'" . DG  A 1 10 ? 10.903  -2.254  -6.612  1.00 37.85 ? 10  DG  A "C5'" 1 
ATOM   186 C  "C4'" . DG  A 1 10 ? 11.049  -3.748  -6.799  1.00 37.75 ? 10  DG  A "C4'" 1 
ATOM   187 O  "O4'" . DG  A 1 10 ? 9.756   -4.358  -6.909  1.00 29.66 ? 10  DG  A "O4'" 1 
ATOM   188 C  "C3'" . DG  A 1 10 ? 11.858  -4.285  -7.985  1.00 37.16 ? 10  DG  A "C3'" 1 
ATOM   189 O  "O3'" . DG  A 1 10 ? 12.762  -5.283  -7.482  1.00 38.26 ? 10  DG  A "O3'" 1 
ATOM   190 C  "C2'" . DG  A 1 10 ? 10.821  -5.012  -8.826  1.00 33.23 ? 10  DG  A "C2'" 1 
ATOM   191 C  "C1'" . DG  A 1 10 ? 9.880   -5.463  -7.743  1.00 27.34 ? 10  DG  A "C1'" 1 
ATOM   192 N  N9    . DG  A 1 10 ? 8.540   -5.897  -8.092  1.00 25.56 ? 10  DG  A N9    1 
ATOM   193 C  C8    . DG  A 1 10 ? 7.760   -5.507  -9.152  1.00 27.61 ? 10  DG  A C8    1 
ATOM   194 N  N7    . DG  A 1 10 ? 6.587   -6.070  -9.158  1.00 22.77 ? 10  DG  A N7    1 
ATOM   195 C  C5    . DG  A 1 10 ? 6.567   -6.821  -7.992  1.00 21.12 ? 10  DG  A C5    1 
ATOM   196 C  C6    . DG  A 1 10 ? 5.552   -7.639  -7.450  1.00 17.14 ? 10  DG  A C6    1 
ATOM   197 O  O6    . DG  A 1 10 ? 4.437   -7.866  -7.898  1.00 19.75 ? 10  DG  A O6    1 
ATOM   198 N  N1    . DG  A 1 10 ? 5.941   -8.202  -6.248  1.00 17.17 ? 10  DG  A N1    1 
ATOM   199 C  C2    . DG  A 1 10 ? 7.164   -8.043  -5.664  1.00 17.85 ? 10  DG  A C2    1 
ATOM   200 N  N2    . DG  A 1 10 ? 7.369   -8.720  -4.545  1.00 18.31 ? 10  DG  A N2    1 
ATOM   201 N  N3    . DG  A 1 10 ? 8.125   -7.298  -6.163  1.00 21.43 ? 10  DG  A N3    1 
ATOM   202 C  C4    . DG  A 1 10 ? 7.762   -6.722  -7.325  1.00 20.69 ? 10  DG  A C4    1 
ATOM   203 P  P     . DC  A 1 11 ? 14.317  -5.129  -7.116  1.00 41.68 ? 11  DC  A P     1 
ATOM   204 O  OP1   . DC  A 1 11 ? 14.466  -3.754  -6.693  1.00 41.96 ? 11  DC  A OP1   1 
ATOM   205 O  OP2   . DC  A 1 11 ? 14.847  -5.606  -8.362  1.00 30.73 ? 11  DC  A OP2   1 
ATOM   206 O  "O5'" . DC  A 1 11 ? 14.466  -6.125  -5.895  1.00 36.87 ? 11  DC  A "O5'" 1 
ATOM   207 C  "C5'" . DC  A 1 11 ? 14.043  -5.744  -4.592  1.00 35.97 ? 11  DC  A "C5'" 1 
ATOM   208 C  "C4'" . DC  A 1 11 ? 13.479  -6.900  -3.792  1.00 35.43 ? 11  DC  A "C4'" 1 
ATOM   209 O  "O4'" . DC  A 1 11 ? 12.289  -7.416  -4.431  1.00 34.67 ? 11  DC  A "O4'" 1 
ATOM   210 C  "C3'" . DC  A 1 11 ? 14.358  -8.114  -3.492  1.00 29.66 ? 11  DC  A "C3'" 1 
ATOM   211 O  "O3'" . DC  A 1 11 ? 14.147  -8.527  -2.131  1.00 28.32 ? 11  DC  A "O3'" 1 
ATOM   212 C  "C2'" . DC  A 1 11 ? 13.859  -9.136  -4.504  1.00 31.50 ? 11  DC  A "C2'" 1 
ATOM   213 C  "C1'" . DC  A 1 11 ? 12.381  -8.807  -4.616  1.00 29.14 ? 11  DC  A "C1'" 1 
ATOM   214 N  N1    . DC  A 1 11 ? 11.695  -9.102  -5.866  1.00 28.18 ? 11  DC  A N1    1 
ATOM   215 C  C2    . DC  A 1 11 ? 10.496  -9.788  -5.806  1.00 22.07 ? 11  DC  A C2    1 
ATOM   216 O  O2    . DC  A 1 11 ? 10.110  -10.201 -4.719  1.00 25.62 ? 11  DC  A O2    1 
ATOM   217 N  N3    . DC  A 1 11 ? 9.774   -9.961  -6.931  1.00 23.24 ? 11  DC  A N3    1 
ATOM   218 C  C4    . DC  A 1 11 ? 10.220  -9.482  -8.083  1.00 26.53 ? 11  DC  A C4    1 
ATOM   219 N  N4    . DC  A 1 11 ? 9.481   -9.672  -9.168  1.00 30.59 ? 11  DC  A N4    1 
ATOM   220 C  C5    . DC  A 1 11 ? 11.447  -8.771  -8.175  1.00 30.58 ? 11  DC  A C5    1 
ATOM   221 C  C6    . DC  A 1 11 ? 12.140  -8.598  -7.050  1.00 27.06 ? 11  DC  A C6    1 
ATOM   222 P  P     . DG  A 1 12 ? 15.178  -9.414  -1.382  1.00 26.15 ? 12  DG  A P     1 
ATOM   223 O  OP1   . DG  A 1 12 ? 15.021  -9.495  0.058   1.00 31.19 ? 12  DG  A OP1   1 
ATOM   224 O  OP2   . DG  A 1 12 ? 16.431  -9.067  -1.995  1.00 25.64 ? 12  DG  A OP2   1 
ATOM   225 O  "O5'" . DG  A 1 12 ? 15.004  -10.873 -1.988  1.00 22.89 ? 12  DG  A "O5'" 1 
ATOM   226 C  "C5'" . DG  A 1 12 ? 13.927  -11.659 -1.592  1.00 23.87 ? 12  DG  A "C5'" 1 
ATOM   227 C  "C4'" . DG  A 1 12 ? 13.772  -12.825 -2.533  1.00 19.10 ? 12  DG  A "C4'" 1 
ATOM   228 O  "O4'" . DG  A 1 12 ? 13.189  -12.389 -3.758  1.00 20.40 ? 12  DG  A "O4'" 1 
ATOM   229 C  "C3'" . DG  A 1 12 ? 15.060  -13.520 -2.961  1.00 18.67 ? 12  DG  A "C3'" 1 
ATOM   230 O  "O3'" . DG  A 1 12 ? 15.290  -14.616 -2.084  1.00 17.78 ? 12  DG  A "O3'" 1 
ATOM   231 C  "C2'" . DG  A 1 12 ? 14.743  -14.033 -4.357  1.00 18.73 ? 12  DG  A "C2'" 1 
ATOM   232 C  "C1'" . DG  A 1 12 ? 13.348  -13.476 -4.629  1.00 16.50 ? 12  DG  A "C1'" 1 
ATOM   233 N  N9    . DG  A 1 12 ? 13.137  -12.980 -5.969  1.00 17.49 ? 12  DG  A N9    1 
ATOM   234 C  C8    . DG  A 1 12 ? 13.991  -12.207 -6.706  1.00 16.97 ? 12  DG  A C8    1 
ATOM   235 N  N7    . DG  A 1 12 ? 13.506  -11.873 -7.865  1.00 18.49 ? 12  DG  A N7    1 
ATOM   236 C  C5    . DG  A 1 12 ? 12.249  -12.452 -7.887  1.00 16.97 ? 12  DG  A C5    1 
ATOM   237 C  C6    . DG  A 1 12 ? 11.258  -12.448 -8.895  1.00 17.44 ? 12  DG  A C6    1 
ATOM   238 O  O6    . DG  A 1 12 ? 11.292  -11.915 -10.001 1.00 19.17 ? 12  DG  A O6    1 
ATOM   239 N  N1    . DG  A 1 12 ? 10.145  -13.176 -8.513  1.00 14.53 ? 12  DG  A N1    1 
ATOM   240 C  C2    . DG  A 1 12 ? 10.015  -13.848 -7.326  1.00 12.56 ? 12  DG  A C2    1 
ATOM   241 N  N2    . DG  A 1 12 ? 8.883   -14.505 -7.152  1.00 13.50 ? 12  DG  A N2    1 
ATOM   242 N  N3    . DG  A 1 12 ? 10.923  -13.841 -6.372  1.00 13.79 ? 12  DG  A N3    1 
ATOM   243 C  C4    . DG  A 1 12 ? 12.008  -13.136 -6.720  1.00 16.10 ? 12  DG  A C4    1 
ATOM   244 O  "O5'" . DC  B 1 1  ? 3.820   -15.987 -14.293 1.00 33.05 ? 13  DC  B "O5'" 1 
ATOM   245 C  "C5'" . DC  B 1 1  ? 3.343   -17.025 -13.425 1.00 24.61 ? 13  DC  B "C5'" 1 
ATOM   246 C  "C4'" . DC  B 1 1  ? 3.431   -16.598 -11.971 1.00 19.55 ? 13  DC  B "C4'" 1 
ATOM   247 O  "O4'" . DC  B 1 1  ? 4.825   -16.297 -11.690 1.00 18.57 ? 13  DC  B "O4'" 1 
ATOM   248 C  "C3'" . DC  B 1 1  ? 2.669   -15.310 -11.639 1.00 21.23 ? 13  DC  B "C3'" 1 
ATOM   249 O  "O3'" . DC  B 1 1  ? 2.287   -15.407 -10.279 1.00 20.77 ? 13  DC  B "O3'" 1 
ATOM   250 C  "C2'" . DC  B 1 1  ? 3.734   -14.236 -11.655 1.00 20.55 ? 13  DC  B "C2'" 1 
ATOM   251 C  "C1'" . DC  B 1 1  ? 4.929   -15.010 -11.113 1.00 18.52 ? 13  DC  B "C1'" 1 
ATOM   252 N  N1    . DC  B 1 1  ? 6.271   -14.488 -11.455 1.00 15.98 ? 13  DC  B N1    1 
ATOM   253 C  C2    . DC  B 1 1  ? 7.175   -14.156 -10.457 1.00 14.83 ? 13  DC  B C2    1 
ATOM   254 O  O2    . DC  B 1 1  ? 6.859   -14.359 -9.281  1.00 14.31 ? 13  DC  B O2    1 
ATOM   255 N  N3    . DC  B 1 1  ? 8.404   -13.718 -10.792 1.00 14.28 ? 13  DC  B N3    1 
ATOM   256 C  C4    . DC  B 1 1  ? 8.721   -13.550 -12.081 1.00 14.71 ? 13  DC  B C4    1 
ATOM   257 N  N4    . DC  B 1 1  ? 9.913   -13.068 -12.368 1.00 15.96 ? 13  DC  B N4    1 
ATOM   258 C  C5    . DC  B 1 1  ? 7.822   -13.898 -13.121 1.00 16.84 ? 13  DC  B C5    1 
ATOM   259 C  C6    . DC  B 1 1  ? 6.616   -14.349 -12.771 1.00 16.39 ? 13  DC  B C6    1 
ATOM   260 P  P     . DG  B 1 2  ? 0.728   -15.627 -9.950  1.00 20.42 ? 14  DG  B P     1 
ATOM   261 O  OP1   . DG  B 1 2  ? 0.229   -16.861 -10.498 1.00 21.90 ? 14  DG  B OP1   1 
ATOM   262 O  OP2   . DG  B 1 2  ? -0.092  -14.432 -9.990  1.00 24.96 ? 14  DG  B OP2   1 
ATOM   263 O  "O5'" . DG  B 1 2  ? 0.856   -15.911 -8.394  1.00 20.62 ? 14  DG  B "O5'" 1 
ATOM   264 C  "C5'" . DG  B 1 2  ? 1.512   -17.072 -7.867  1.00 19.94 ? 14  DG  B "C5'" 1 
ATOM   265 C  "C4'" . DG  B 1 2  ? 2.397   -16.692 -6.702  1.00 18.15 ? 14  DG  B "C4'" 1 
ATOM   266 O  "O4'" . DG  B 1 2  ? 3.554   -16.011 -7.186  1.00 18.77 ? 14  DG  B "O4'" 1 
ATOM   267 C  "C3'" . DG  B 1 2  ? 1.763   -15.747 -5.702  1.00 21.01 ? 14  DG  B "C3'" 1 
ATOM   268 O  "O3'" . DG  B 1 2  ? 1.389   -16.506 -4.573  1.00 19.23 ? 14  DG  B "O3'" 1 
ATOM   269 C  "C2'" . DG  B 1 2  ? 2.932   -14.943 -5.192  1.00 22.68 ? 14  DG  B "C2'" 1 
ATOM   270 C  "C1'" . DG  B 1 2  ? 3.974   -15.048 -6.248  1.00 24.95 ? 14  DG  B "C1'" 1 
ATOM   271 N  N9    . DG  B 1 2  ? 4.328   -13.845 -6.985  1.00 18.91 ? 14  DG  B N9    1 
ATOM   272 C  C8    . DG  B 1 2  ? 3.720   -13.383 -8.120  1.00 19.27 ? 14  DG  B C8    1 
ATOM   273 N  N7    . DG  B 1 2  ? 4.297   -12.331 -8.615  1.00 17.70 ? 14  DG  B N7    1 
ATOM   274 C  C5    . DG  B 1 2  ? 5.373   -12.101 -7.771  1.00 17.77 ? 14  DG  B C5    1 
ATOM   275 C  C6    . DG  B 1 2  ? 6.405   -11.139 -7.844  1.00 17.23 ? 14  DG  B C6    1 
ATOM   276 O  O6    . DG  B 1 2  ? 6.590   -10.282 -8.692  1.00 17.99 ? 14  DG  B O6    1 
ATOM   277 N  N1    . DG  B 1 2  ? 7.311   -11.286 -6.804  1.00 16.56 ? 14  DG  B N1    1 
ATOM   278 C  C2    . DG  B 1 2  ? 7.223   -12.223 -5.814  1.00 16.26 ? 14  DG  B C2    1 
ATOM   279 N  N2    . DG  B 1 2  ? 8.170   -12.180 -4.883  1.00 15.44 ? 14  DG  B N2    1 
ATOM   280 N  N3    . DG  B 1 2  ? 6.284   -13.137 -5.750  1.00 16.65 ? 14  DG  B N3    1 
ATOM   281 C  C4    . DG  B 1 2  ? 5.420   -13.046 -6.777  1.00 17.35 ? 14  DG  B C4    1 
ATOM   282 P  P     . DC  B 1 3  ? 0.481   -15.862 -3.493  1.00 22.19 ? 15  DC  B P     1 
ATOM   283 O  OP1   . DC  B 1 3  ? 0.071   -16.965 -2.666  1.00 21.47 ? 15  DC  B OP1   1 
ATOM   284 O  OP2   . DC  B 1 3  ? -0.524  -14.894 -4.089  1.00 26.56 ? 15  DC  B OP2   1 
ATOM   285 O  "O5'" . DC  B 1 3  ? 1.459   -14.994 -2.571  1.00 20.48 ? 15  DC  B "O5'" 1 
ATOM   286 C  "C5'" . DC  B 1 3  ? 2.558   -15.589 -1.825  1.00 18.65 ? 15  DC  B "C5'" 1 
ATOM   287 C  "C4'" . DC  B 1 3  ? 3.497   -14.502 -1.363  1.00 16.75 ? 15  DC  B "C4'" 1 
ATOM   288 O  "O4'" . DC  B 1 3  ? 4.002   -13.825 -2.528  1.00 19.11 ? 15  DC  B "O4'" 1 
ATOM   289 C  "C3'" . DC  B 1 3  ? 2.855   -13.390 -0.570  1.00 18.57 ? 15  DC  B "C3'" 1 
ATOM   290 O  "O3'" . DC  B 1 3  ? 3.020   -13.762 0.783   1.00 21.47 ? 15  DC  B "O3'" 1 
ATOM   291 C  "C2'" . DC  B 1 3  ? 3.788   -12.219 -0.809  1.00 22.69 ? 15  DC  B "C2'" 1 
ATOM   292 C  "C1'" . DC  B 1 3  ? 4.287   -12.451 -2.222  1.00 18.30 ? 15  DC  B "C1'" 1 
ATOM   293 N  N1    . DC  B 1 3  ? 3.719   -11.645 -3.304  1.00 17.18 ? 15  DC  B N1    1 
ATOM   294 C  C2    . DC  B 1 3  ? 4.542   -10.674 -3.871  1.00 14.20 ? 15  DC  B C2    1 
ATOM   295 O  O2    . DC  B 1 3  ? 5.657   -10.480 -3.368  1.00 17.72 ? 15  DC  B O2    1 
ATOM   296 N  N3    . DC  B 1 3  ? 4.140   -10.061 -5.016  1.00 16.28 ? 15  DC  B N3    1 
ATOM   297 C  C4    . DC  B 1 3  ? 2.909   -10.261 -5.483  1.00 17.57 ? 15  DC  B C4    1 
ATOM   298 N  N4    . DC  B 1 3  ? 2.550   -9.598  -6.583  1.00 17.84 ? 15  DC  B N4    1 
ATOM   299 C  C5    . DC  B 1 3  ? 2.050   -11.251 -4.926  1.00 19.37 ? 15  DC  B C5    1 
ATOM   300 C  C6    . DC  B 1 3  ? 2.486   -11.902 -3.836  1.00 17.56 ? 15  DC  B C6    1 
ATOM   301 P  P     . DG  B 1 4  ? 2.349   -12.950 1.957   1.00 22.65 ? 16  DG  B P     1 
ATOM   302 O  OP1   . DG  B 1 4  ? 2.263   -13.847 3.104   1.00 28.13 ? 16  DG  B OP1   1 
ATOM   303 O  OP2   . DG  B 1 4  ? 1.155   -12.278 1.513   1.00 24.30 ? 16  DG  B OP2   1 
ATOM   304 O  "O5'" . DG  B 1 4  ? 3.387   -11.847 2.408   1.00 22.11 ? 16  DG  B "O5'" 1 
ATOM   305 C  "C5'" . DG  B 1 4  ? 4.761   -12.151 2.603   1.00 21.89 ? 16  DG  B "C5'" 1 
ATOM   306 C  "C4'" . DG  B 1 4  ? 5.583   -10.890 2.720   1.00 22.60 ? 16  DG  B "C4'" 1 
ATOM   307 O  "O4'" . DG  B 1 4  ? 5.556   -10.181 1.461   1.00 22.82 ? 16  DG  B "O4'" 1 
ATOM   308 C  "C3'" . DG  B 1 4  ? 5.123   -9.886  3.770   1.00 25.29 ? 16  DG  B "C3'" 1 
ATOM   309 O  "O3'" . DG  B 1 4  ? 6.292   -9.255  4.311   1.00 28.11 ? 16  DG  B "O3'" 1 
ATOM   310 C  "C2'" . DG  B 1 4  ? 4.212   -8.977  2.975   1.00 24.75 ? 16  DG  B "C2'" 1 
ATOM   311 C  "C1'" . DG  B 1 4  ? 4.889   -8.946  1.612   1.00 22.40 ? 16  DG  B "C1'" 1 
ATOM   312 N  N9    . DG  B 1 4  ? 3.988   -8.776  0.476   1.00 21.04 ? 16  DG  B N9    1 
ATOM   313 C  C8    . DG  B 1 4  ? 2.710   -9.248  0.351   1.00 19.42 ? 16  DG  B C8    1 
ATOM   314 N  N7    . DG  B 1 4  ? 2.155   -8.936  -0.785  1.00 19.46 ? 16  DG  B N7    1 
ATOM   315 C  C5    . DG  B 1 4  ? 3.118   -8.193  -1.443  1.00 15.83 ? 16  DG  B C5    1 
ATOM   316 C  C6    . DG  B 1 4  ? 3.098   -7.587  -2.719  1.00 14.59 ? 16  DG  B C6    1 
ATOM   317 O  O6    . DG  B 1 4  ? 2.205   -7.585  -3.547  1.00 16.60 ? 16  DG  B O6    1 
ATOM   318 N  N1    . DG  B 1 4  ? 4.294   -6.937  -2.994  1.00 16.03 ? 16  DG  B N1    1 
ATOM   319 C  C2    . DG  B 1 4  ? 5.362   -6.869  -2.152  1.00 15.29 ? 16  DG  B C2    1 
ATOM   320 N  N2    . DG  B 1 4  ? 6.411   -6.193  -2.594  1.00 18.11 ? 16  DG  B N2    1 
ATOM   321 N  N3    . DG  B 1 4  ? 5.407   -7.451  -0.974  1.00 17.68 ? 16  DG  B N3    1 
ATOM   322 C  C4    . DG  B 1 4  ? 4.254   -8.081  -0.677  1.00 17.27 ? 16  DG  B C4    1 
ATOM   323 P  P     . DA  B 1 5  ? 6.341   -7.918  5.171   1.00 30.49 ? 17  DA  B P     1 
ATOM   324 O  OP1   . DA  B 1 5  ? 7.443   -8.123  6.040   1.00 32.64 ? 17  DA  B OP1   1 
ATOM   325 O  OP2   . DA  B 1 5  ? 5.065   -7.671  5.679   1.00 27.02 ? 17  DA  B OP2   1 
ATOM   326 O  "O5'" . DA  B 1 5  ? 6.775   -6.874  4.088   1.00 27.61 ? 17  DA  B "O5'" 1 
ATOM   327 C  "C5'" . DA  B 1 5  ? 7.924   -7.049  3.290   1.00 27.40 ? 17  DA  B "C5'" 1 
ATOM   328 C  "C4'" . DA  B 1 5  ? 8.231   -5.730  2.632   1.00 29.41 ? 17  DA  B "C4'" 1 
ATOM   329 O  "O4'" . DA  B 1 5  ? 7.371   -5.484  1.504   1.00 29.64 ? 17  DA  B "O4'" 1 
ATOM   330 C  "C3'" . DA  B 1 5  ? 8.104   -4.509  3.532   1.00 30.19 ? 17  DA  B "C3'" 1 
ATOM   331 O  "O3'" . DA  B 1 5  ? 9.146   -3.664  3.079   1.00 35.59 ? 17  DA  B "O3'" 1 
ATOM   332 C  "C2'" . DA  B 1 5  ? 6.743   -3.944  3.178   1.00 26.99 ? 17  DA  B "C2'" 1 
ATOM   333 C  "C1'" . DA  B 1 5  ? 6.592   -4.313  1.719   1.00 25.25 ? 17  DA  B "C1'" 1 
ATOM   334 N  N9    . DA  B 1 5  ? 5.218   -4.644  1.364   1.00 22.69 ? 17  DA  B N9    1 
ATOM   335 C  C8    . DA  B 1 5  ? 4.314   -5.334  2.124   1.00 21.05 ? 17  DA  B C8    1 
ATOM   336 N  N7    . DA  B 1 5  ? 3.173   -5.541  1.527   1.00 19.57 ? 17  DA  B N7    1 
ATOM   337 C  C5    . DA  B 1 5  ? 3.337   -4.954  0.286   1.00 17.30 ? 17  DA  B C5    1 
ATOM   338 C  C6    . DA  B 1 5  ? 2.476   -4.794  -0.796  1.00 17.08 ? 17  DA  B C6    1 
ATOM   339 N  N6    . DA  B 1 5  ? 1.237   -5.284  -0.831  1.00 17.30 ? 17  DA  B N6    1 
ATOM   340 N  N1    . DA  B 1 5  ? 2.932   -4.123  -1.868  1.00 15.99 ? 17  DA  B N1    1 
ATOM   341 C  C2    . DA  B 1 5  ? 4.178   -3.647  -1.841  1.00 17.55 ? 17  DA  B C2    1 
ATOM   342 N  N3    . DA  B 1 5  ? 5.085   -3.732  -0.881  1.00 17.96 ? 17  DA  B N3    1 
ATOM   343 C  C4    . DA  B 1 5  ? 4.591   -4.389  0.176   1.00 18.26 ? 17  DA  B C4    1 
ATOM   344 P  P     . DA  B 1 6  ? 9.408   -2.188  3.371   1.00 31.59 ? 18  DA  B P     1 
ATOM   345 O  OP1   . DA  B 1 6  ? 10.874  -2.057  3.122   1.00 39.62 ? 18  DA  B OP1   1 
ATOM   346 O  OP2   . DA  B 1 6  ? 8.808   -1.903  4.706   1.00 29.11 ? 18  DA  B OP2   1 
ATOM   347 O  "O5'" . DA  B 1 6  ? 8.681   -1.367  2.223   1.00 27.16 ? 18  DA  B "O5'" 1 
ATOM   348 C  "C5'" . DA  B 1 6  ? 9.195   -1.329  0.901   1.00 25.53 ? 18  DA  B "C5'" 1 
ATOM   349 C  "C4'" . DA  B 1 6  ? 8.334   -0.369  0.121   1.00 26.16 ? 18  DA  B "C4'" 1 
ATOM   350 O  "O4'" . DA  B 1 6  ? 6.999   -0.944  0.061   1.00 23.24 ? 18  DA  B "O4'" 1 
ATOM   351 C  "C3'" . DA  B 1 6  ? 8.183   1.005   0.779   1.00 25.37 ? 18  DA  B "C3'" 1 
ATOM   352 O  "O3'" . DA  B 1 6  ? 8.636   1.878   -0.242  1.00 25.47 ? 18  DA  B "O3'" 1 
ATOM   353 C  "C2'" . DA  B 1 6  ? 6.712   1.066   1.223   1.00 22.39 ? 18  DA  B "C2'" 1 
ATOM   354 C  "C1'" . DA  B 1 6  ? 6.029   0.083   0.304   1.00 20.80 ? 18  DA  B "C1'" 1 
ATOM   355 N  N9    . DA  B 1 6  ? 4.847   -0.572  0.826   1.00 18.90 ? 18  DA  B N9    1 
ATOM   356 C  C8    . DA  B 1 6  ? 4.673   -1.168  2.043   1.00 19.05 ? 18  DA  B C8    1 
ATOM   357 N  N7    . DA  B 1 6  ? 3.516   -1.772  2.181   1.00 18.82 ? 18  DA  B N7    1 
ATOM   358 C  C5    . DA  B 1 6  ? 2.870   -1.506  0.988   1.00 16.95 ? 18  DA  B C5    1 
ATOM   359 C  C6    . DA  B 1 6  ? 1.606   -1.871  0.506   1.00 15.22 ? 18  DA  B C6    1 
ATOM   360 N  N6    . DA  B 1 6  ? 0.760   -2.645  1.178   1.00 16.41 ? 18  DA  B N6    1 
ATOM   361 N  N1    . DA  B 1 6  ? 1.260   -1.434  -0.710  1.00 15.67 ? 18  DA  B N1    1 
ATOM   362 C  C2    . DA  B 1 6  ? 2.154   -0.772  -1.438  1.00 16.14 ? 18  DA  B C2    1 
ATOM   363 N  N3    . DA  B 1 6  ? 3.365   -0.342  -1.093  1.00 17.45 ? 18  DA  B N3    1 
ATOM   364 C  C4    . DA  B 1 6  ? 3.682   -0.790  0.130   1.00 16.35 ? 18  DA  B C4    1 
ATOM   365 P  P     . DT  B 1 7  ? 8.538   3.505   -0.152  1.00 27.78 ? 19  DT  B P     1 
ATOM   366 O  OP1   . DT  B 1 7  ? 9.633   4.129   -0.943  1.00 30.65 ? 19  DT  B OP1   1 
ATOM   367 O  OP2   . DT  B 1 7  ? 8.367   3.788   1.226   1.00 22.52 ? 19  DT  B OP2   1 
ATOM   368 O  "O5'" . DT  B 1 7  ? 7.104   3.847   -0.760  1.00 22.75 ? 19  DT  B "O5'" 1 
ATOM   369 C  "C5'" . DT  B 1 7  ? 6.759   3.437   -2.055  1.00 25.54 ? 19  DT  B "C5'" 1 
ATOM   370 C  "C4'" . DT  B 1 7  ? 5.298   3.785   -2.213  1.00 20.78 ? 19  DT  B "C4'" 1 
ATOM   371 O  "O4'" . DT  B 1 7  ? 4.496   2.882   -1.448  1.00 20.31 ? 19  DT  B "O4'" 1 
ATOM   372 C  "C3'" . DT  B 1 7  ? 4.899   5.201   -1.781  1.00 19.30 ? 19  DT  B "C3'" 1 
ATOM   373 O  "O3'" . DT  B 1 7  ? 4.588   5.800   -3.039  1.00 23.58 ? 19  DT  B "O3'" 1 
ATOM   374 C  "C2'" . DT  B 1 7  ? 3.655   5.019   -0.915  1.00 21.15 ? 19  DT  B "C2'" 1 
ATOM   375 C  "C1'" . DT  B 1 7  ? 3.265   3.557   -1.144  1.00 18.40 ? 19  DT  B "C1'" 1 
ATOM   376 N  N1    . DT  B 1 7  ? 2.616   2.797   -0.071  1.00 16.49 ? 19  DT  B N1    1 
ATOM   377 C  C2    . DT  B 1 7  ? 1.356   2.255   -0.288  1.00 14.93 ? 19  DT  B C2    1 
ATOM   378 O  O2    . DT  B 1 7  ? 0.744   2.450   -1.315  1.00 18.73 ? 19  DT  B O2    1 
ATOM   379 N  N3    . DT  B 1 7  ? 0.835   1.586   0.776   1.00 15.09 ? 19  DT  B N3    1 
ATOM   380 C  C4    . DT  B 1 7  ? 1.437   1.334   1.991   1.00 14.41 ? 19  DT  B C4    1 
ATOM   381 O  O4    . DT  B 1 7  ? 0.874   0.661   2.837   1.00 15.83 ? 19  DT  B O4    1 
ATOM   382 C  C5    . DT  B 1 7  ? 2.749   1.946   2.154   1.00 16.51 ? 19  DT  B C5    1 
ATOM   383 C  C7    . DT  B 1 7  ? 3.473   1.753   3.448   1.00 20.58 ? 19  DT  B C7    1 
ATOM   384 C  C6    . DT  B 1 7  ? 3.266   2.606   1.122   1.00 17.02 ? 19  DT  B C6    1 
ATOM   385 P  P     . DT  B 1 8  ? 4.068   7.337   -3.178  1.00 23.11 ? 20  DT  B P     1 
ATOM   386 O  OP1   . DT  B 1 8  ? 4.390   7.685   -4.577  1.00 24.82 ? 20  DT  B OP1   1 
ATOM   387 O  OP2   . DT  B 1 8  ? 4.525   8.119   -2.011  1.00 25.34 ? 20  DT  B OP2   1 
ATOM   388 O  "O5'" . DT  B 1 8  ? 2.479   7.201   -3.027  1.00 19.62 ? 20  DT  B "O5'" 1 
ATOM   389 C  "C5'" . DT  B 1 8  ? 1.804   6.455   -4.001  1.00 19.98 ? 20  DT  B "C5'" 1 
ATOM   390 C  "C4'" . DT  B 1 8  ? 0.355   6.338   -3.615  1.00 18.86 ? 20  DT  B "C4'" 1 
ATOM   391 O  "O4'" . DT  B 1 8  ? 0.319   5.587   -2.405  1.00 16.89 ? 20  DT  B "O4'" 1 
ATOM   392 C  "C3'" . DT  B 1 8  ? -0.308  7.680   -3.295  1.00 18.59 ? 20  DT  B "C3'" 1 
ATOM   393 O  "O3'" . DT  B 1 8  ? -1.300  7.830   -4.311  1.00 20.39 ? 20  DT  B "O3'" 1 
ATOM   394 C  "C2'" . DT  B 1 8  ? -0.939  7.461   -1.924  1.00 18.70 ? 20  DT  B "C2'" 1 
ATOM   395 C  "C1'" . DT  B 1 8  ? -0.885  5.964   -1.739  1.00 13.97 ? 20  DT  B "C1'" 1 
ATOM   396 N  N1    . DT  B 1 8  ? -0.764  5.461   -0.354  1.00 15.18 ? 20  DT  B N1    1 
ATOM   397 C  C2    . DT  B 1 8  ? -1.763  4.632   0.116   1.00 13.16 ? 20  DT  B C2    1 
ATOM   398 O  O2    . DT  B 1 8  ? -2.776  4.383   -0.499  1.00 15.01 ? 20  DT  B O2    1 
ATOM   399 N  N3    . DT  B 1 8  ? -1.542  4.123   1.361   1.00 14.43 ? 20  DT  B N3    1 
ATOM   400 C  C4    . DT  B 1 8  ? -0.455  4.378   2.180   1.00 13.24 ? 20  DT  B C4    1 
ATOM   401 O  O4    . DT  B 1 8  ? -0.366  3.809   3.263   1.00 15.40 ? 20  DT  B O4    1 
ATOM   402 C  C5    . DT  B 1 8  ? 0.543   5.288   1.644   1.00 14.62 ? 20  DT  B C5    1 
ATOM   403 C  C7    . DT  B 1 8  ? 1.715   5.682   2.500   1.00 16.77 ? 20  DT  B C7    1 
ATOM   404 C  C6    . DT  B 1 8  ? 0.342   5.770   0.416   1.00 14.68 ? 20  DT  B C6    1 
ATOM   405 P  P     . DC  B 1 9  ? -2.214  9.115   -4.396  1.00 23.08 ? 21  DC  B P     1 
ATOM   406 O  OP1   . DC  B 1 9  ? -2.604  9.272   -5.755  1.00 27.05 ? 21  DC  B OP1   1 
ATOM   407 O  OP2   . DC  B 1 9  ? -1.667  10.196  -3.720  1.00 25.68 ? 21  DC  B OP2   1 
ATOM   408 O  "O5'" . DC  B 1 9  ? -3.523  8.722   -3.591  1.00 18.37 ? 21  DC  B "O5'" 1 
ATOM   409 C  "C5'" . DC  B 1 9  ? -4.316  7.653   -4.005  1.00 18.93 ? 21  DC  B "C5'" 1 
ATOM   410 C  "C4'" . DC  B 1 9  ? -5.421  7.409   -3.011  1.00 14.39 ? 21  DC  B "C4'" 1 
ATOM   411 O  "O4'" . DC  B 1 9  ? -4.832  6.956   -1.781  1.00 14.82 ? 21  DC  B "O4'" 1 
ATOM   412 C  "C3'" . DC  B 1 9  ? -6.219  8.663   -2.665  1.00 15.39 ? 21  DC  B "C3'" 1 
ATOM   413 O  "O3'" . DC  B 1 9  ? -7.555  8.451   -3.093  1.00 16.20 ? 21  DC  B "O3'" 1 
ATOM   414 C  "C2'" . DC  B 1 9  ? -6.024  8.841   -1.172  1.00 16.43 ? 21  DC  B "C2'" 1 
ATOM   415 C  "C1'" . DC  B 1 9  ? -5.596  7.466   -0.714  1.00 15.95 ? 21  DC  B "C1'" 1 
ATOM   416 N  N1    . DC  B 1 9  ? -4.735  7.402   0.462   1.00 13.65 ? 21  DC  B N1    1 
ATOM   417 C  C2    . DC  B 1 9  ? -5.056  6.530   1.491   1.00 12.89 ? 21  DC  B C2    1 
ATOM   418 O  O2    . DC  B 1 9  ? -6.145  5.975   1.474   1.00 15.99 ? 21  DC  B O2    1 
ATOM   419 N  N3    . DC  B 1 9  ? -4.207  6.391   2.528   1.00 12.28 ? 21  DC  B N3    1 
ATOM   420 C  C4    . DC  B 1 9  ? -3.041  7.027   2.517   1.00 11.72 ? 21  DC  B C4    1 
ATOM   421 N  N4    . DC  B 1 9  ? -2.200  6.809   3.521   1.00 13.01 ? 21  DC  B N4    1 
ATOM   422 C  C5    . DC  B 1 9  ? -2.679  7.911   1.469   1.00 13.63 ? 21  DC  B C5    1 
ATOM   423 C  C6    . DC  B 1 9  ? -3.531  8.045   0.458   1.00 14.70 ? 21  DC  B C6    1 
ATOM   424 P  P     . DG  B 1 10 ? -8.602  9.608   -3.199  1.00 17.39 ? 22  DG  B P     1 
ATOM   425 O  OP1   . DG  B 1 10 ? -9.614  9.118   -4.168  1.00 20.49 ? 22  DG  B OP1   1 
ATOM   426 O  OP2   . DG  B 1 10 ? -7.987  10.853  -3.420  1.00 16.90 ? 22  DG  B OP2   1 
ATOM   427 O  "O5'" . DG  B 1 10 ? -9.208  9.606   -1.745  1.00 17.31 ? 22  DG  B "O5'" 1 
ATOM   428 C  "C5'" . DG  B 1 10 ? -9.972  8.490   -1.274  1.00 16.81 ? 22  DG  B "C5'" 1 
ATOM   429 C  "C4'" . DG  B 1 10 ? -10.325 8.694   0.184   1.00 16.25 ? 22  DG  B "C4'" 1 
ATOM   430 O  "O4'" . DG  B 1 10 ? -9.100  8.601   0.979   1.00 15.10 ? 22  DG  B "O4'" 1 
ATOM   431 C  "C3'" . DG  B 1 10 ? -10.842 10.088  0.484   1.00 17.59 ? 22  DG  B "C3'" 1 
ATOM   432 O  "O3'" . DG  B 1 10 ? -11.824 10.015  1.488   1.00 18.58 ? 22  DG  B "O3'" 1 
ATOM   433 C  "C2'" . DG  B 1 10 ? -9.638  10.831  1.052   1.00 15.87 ? 22  DG  B "C2'" 1 
ATOM   434 C  "C1'" . DG  B 1 10 ? -9.034  9.709   1.859   1.00 13.82 ? 22  DG  B "C1'" 1 
ATOM   435 N  N9    . DG  B 1 10 ? -7.668  9.839   2.318   1.00 13.50 ? 22  DG  B N9    1 
ATOM   436 C  C8    . DG  B 1 10 ? -6.649  10.597  1.797   1.00 14.41 ? 22  DG  B C8    1 
ATOM   437 N  N7    . DG  B 1 10 ? -5.519  10.439  2.429   1.00 12.89 ? 22  DG  B N7    1 
ATOM   438 C  C5    . DG  B 1 10 ? -5.819  9.557   3.463   1.00 12.65 ? 22  DG  B C5    1 
ATOM   439 C  C6    . DG  B 1 10 ? -5.009  9.038   4.519   1.00 11.55 ? 22  DG  B C6    1 
ATOM   440 O  O6    . DG  B 1 10 ? -3.826  9.251   4.752   1.00 12.54 ? 22  DG  B O6    1 
ATOM   441 N  N1    . DG  B 1 10 ? -5.747  8.223   5.381   1.00 12.28 ? 22  DG  B N1    1 
ATOM   442 C  C2    . DG  B 1 10 ? -7.067  7.896   5.211   1.00 11.74 ? 22  DG  B C2    1 
ATOM   443 N  N2    . DG  B 1 10 ? -7.599  7.104   6.141   1.00 12.41 ? 22  DG  B N2    1 
ATOM   444 N  N3    . DG  B 1 10 ? -7.813  8.325   4.220   1.00 12.65 ? 22  DG  B N3    1 
ATOM   445 C  C4    . DG  B 1 10 ? -7.139  9.160   3.402   1.00 12.17 ? 22  DG  B C4    1 
ATOM   446 P  P     . DC  B 1 11 ? -13.152 10.834  1.471   1.00 21.80 ? 23  DC  B P     1 
ATOM   447 O  OP1   . DC  B 1 11 ? -14.030 10.272  0.475   1.00 31.70 ? 23  DC  B OP1   1 
ATOM   448 O  OP2   . DC  B 1 11 ? -12.859 12.204  1.529   1.00 24.26 ? 23  DC  B OP2   1 
ATOM   449 O  "O5'" . DC  B 1 11 ? -13.801 10.449  2.856   1.00 21.80 ? 23  DC  B "O5'" 1 
ATOM   450 C  "C5'" . DC  B 1 11 ? -14.026 9.094   3.184   1.00 25.30 ? 23  DC  B "C5'" 1 
ATOM   451 C  "C4'" . DC  B 1 11 ? -13.886 8.892   4.669   1.00 21.27 ? 23  DC  B "C4'" 1 
ATOM   452 O  "O4'" . DC  B 1 11 ? -12.482 8.852   4.987   1.00 22.04 ? 23  DC  B "O4'" 1 
ATOM   453 C  "C3'" . DC  B 1 11 ? -14.490 10.029  5.473   1.00 25.00 ? 23  DC  B "C3'" 1 
ATOM   454 O  "O3'" . DC  B 1 11 ? -15.464 9.593   6.389   1.00 27.79 ? 23  DC  B "O3'" 1 
ATOM   455 C  "C2'" . DC  B 1 11 ? -13.319 10.651  6.195   1.00 30.58 ? 23  DC  B "C2'" 1 
ATOM   456 C  "C1'" . DC  B 1 11 ? -12.182 9.646   6.090   1.00 20.97 ? 23  DC  B "C1'" 1 
ATOM   457 N  N1    . DC  B 1 11 ? -10.900 10.311  5.812   1.00 18.15 ? 23  DC  B N1    1 
ATOM   458 C  C2    . DC  B 1 11 ? -9.821  10.111  6.669   1.00 15.27 ? 23  DC  B C2    1 
ATOM   459 O  O2    . DC  B 1 11 ? -9.953  9.344   7.615   1.00 17.45 ? 23  DC  B O2    1 
ATOM   460 N  N3    . DC  B 1 11 ? -8.663  10.757  6.433   1.00 13.82 ? 23  DC  B N3    1 
ATOM   461 C  C4    . DC  B 1 11 ? -8.571  11.596  5.408   1.00 13.28 ? 23  DC  B C4    1 
ATOM   462 N  N4    . DC  B 1 11 ? -7.408  12.186  5.195   1.00 14.43 ? 23  DC  B N4    1 
ATOM   463 C  C5    . DC  B 1 11 ? -9.668  11.846  4.538   1.00 15.81 ? 23  DC  B C5    1 
ATOM   464 C  C6    . DC  B 1 11 ? -10.806 11.202  4.784   1.00 17.34 ? 23  DC  B C6    1 
ATOM   465 P  P     . DG  B 1 12 ? -16.178 10.737  7.169   1.00 31.49 ? 24  DG  B P     1 
ATOM   466 O  OP1   . DG  B 1 12 ? -17.385 10.077  7.512   1.00 37.36 ? 24  DG  B OP1   1 
ATOM   467 O  OP2   . DG  B 1 12 ? -16.104 11.965  6.524   1.00 25.71 ? 24  DG  B OP2   1 
ATOM   468 O  "O5'" . DG  B 1 12 ? -15.525 10.834  8.597   1.00 23.69 ? 24  DG  B "O5'" 1 
ATOM   469 C  "C5'" . DG  B 1 12 ? -15.359 9.696   9.412   1.00 24.80 ? 24  DG  B "C5'" 1 
ATOM   470 C  "C4'" . DG  B 1 12 ? -14.311 10.029  10.441  1.00 23.67 ? 24  DG  B "C4'" 1 
ATOM   471 O  "O4'" . DG  B 1 12 ? -13.026 10.136  9.825   1.00 20.83 ? 24  DG  B "O4'" 1 
ATOM   472 C  "C3'" . DG  B 1 12 ? -14.493 11.374  11.106  1.00 23.51 ? 24  DG  B "C3'" 1 
ATOM   473 O  "O3'" . DG  B 1 12 ? -15.400 11.260  12.176  1.00 25.81 ? 24  DG  B "O3'" 1 
ATOM   474 C  "C2'" . DG  B 1 12 ? -13.114 11.644  11.648  1.00 24.27 ? 24  DG  B "C2'" 1 
ATOM   475 C  "C1'" . DG  B 1 12 ? -12.223 11.007  10.597  1.00 19.76 ? 24  DG  B "C1'" 1 
ATOM   476 N  N9    . DG  B 1 12 ? -11.570 11.931  9.691   1.00 16.74 ? 24  DG  B N9    1 
ATOM   477 C  C8    . DG  B 1 12 ? -12.114 12.621  8.640   1.00 17.21 ? 24  DG  B C8    1 
ATOM   478 N  N7    . DG  B 1 12 ? -11.241 13.326  7.985   1.00 17.29 ? 24  DG  B N7    1 
ATOM   479 C  C5    . DG  B 1 12 ? -10.050 13.094  8.652   1.00 13.34 ? 24  DG  B C5    1 
ATOM   480 C  C6    . DG  B 1 12 ? -8.756  13.596  8.417   1.00 14.87 ? 24  DG  B C6    1 
ATOM   481 O  O6    . DG  B 1 12 ? -8.388  14.381  7.554   1.00 16.25 ? 24  DG  B O6    1 
ATOM   482 N  N1    . DG  B 1 12 ? -7.848  13.120  9.354   1.00 15.54 ? 24  DG  B N1    1 
ATOM   483 C  C2    . DG  B 1 12 ? -8.148  12.271  10.382  1.00 15.68 ? 24  DG  B C2    1 
ATOM   484 N  N2    . DG  B 1 12 ? -7.140  11.916  11.182  1.00 15.08 ? 24  DG  B N2    1 
ATOM   485 N  N3    . DG  B 1 12 ? -9.347  11.791  10.604  1.00 14.57 ? 24  DG  B N3    1 
ATOM   486 C  C4    . DG  B 1 12 ? -10.243 12.246  9.716   1.00 14.44 ? 24  DG  B C4    1 
HETATM 487 MG MG    . MG  C 2 .  ? -1.251  12.502  4.774   1.00 13.74 ? 101 MG  A MG    1 
HETATM 488 N  NAY   . 3F2 D 3 .  ? 7.514   -2.750  -2.629  1.00 55.61 ? 101 3F2 B NAY   1 
HETATM 489 C  CAU   . 3F2 D 3 .  ? 7.843   -3.491  -1.380  1.00 41.67 ? 101 3F2 B CAU   1 
HETATM 490 C  CAS   . 3F2 D 3 .  ? 9.075   -4.284  -1.819  1.00 57.00 ? 101 3F2 B CAS   1 
HETATM 491 N  NAW   . 3F2 D 3 .  ? 9.747   -3.183  -2.497  1.00 60.64 ? 101 3F2 B NAW   1 
HETATM 492 C  CBE   . 3F2 D 3 .  ? 8.772   -2.340  -2.921  1.00 61.98 ? 101 3F2 B CBE   1 
HETATM 493 C  CBK   . 3F2 D 3 .  ? 9.007   -1.162  -3.421  1.00 58.83 ? 101 3F2 B CBK   1 
HETATM 494 C  CAQ   . 3F2 D 3 .  ? 7.916   -0.356  -3.748  1.00 50.15 ? 101 3F2 B CAQ   1 
HETATM 495 C  CAG   . 3F2 D 3 .  ? 10.290  -0.700  -3.530  1.00 51.99 ? 101 3F2 B CAG   1 
HETATM 496 C  CAC   . 3F2 D 3 .  ? 10.455  0.584   -4.020  1.00 52.82 ? 101 3F2 B CAC   1 
HETATM 497 C  CAE   . 3F2 D 3 .  ? 9.366   1.356   -4.393  1.00 52.48 ? 101 3F2 B CAE   1 
HETATM 498 C  CBG   . 3F2 D 3 .  ? 8.068   0.897   -4.257  1.00 50.33 ? 101 3F2 B CBG   1 
HETATM 499 N  NBA   . 3F2 D 3 .  ? 7.025   1.608   -4.631  1.00 46.65 ? 101 3F2 B NBA   1 
HETATM 500 C  CBC   . 3F2 D 3 .  ? 5.851   1.095   -4.387  1.00 41.36 ? 101 3F2 B CBC   1 
HETATM 501 O  OAA   . 3F2 D 3 .  ? 5.700   0.140   -3.648  1.00 47.58 ? 101 3F2 B OAA   1 
HETATM 502 C  CBI   . 3F2 D 3 .  ? 4.701   1.748   -4.766  1.00 36.25 ? 101 3F2 B CBI   1 
HETATM 503 C  CAJ   . 3F2 D 3 .  ? 4.412   2.622   -5.802  1.00 35.10 ? 101 3F2 B CAJ   1 
HETATM 504 C  CAN   . 3F2 D 3 .  ? 3.133   3.143   -5.941  1.00 32.09 ? 101 3F2 B CAN   1 
HETATM 505 C  CAI   . 3F2 D 3 .  ? 3.735   1.371   -3.942  1.00 29.50 ? 101 3F2 B CAI   1 
HETATM 506 C  CAM   . 3F2 D 3 .  ? 2.513   1.871   -4.121  1.00 30.50 ? 101 3F2 B CAM   1 
HETATM 507 C  CBM   . 3F2 D 3 .  ? 2.179   2.738   -5.073  1.00 26.71 ? 101 3F2 B CBM   1 
HETATM 508 C  CBN   . 3F2 D 3 .  ? 0.852   3.063   -4.977  1.00 28.69 ? 101 3F2 B CBN   1 
HETATM 509 C  CAP   . 3F2 D 3 .  ? 0.226   2.498   -3.905  1.00 23.84 ? 101 3F2 B CAP   1 
HETATM 510 C  CAL   . 3F2 D 3 .  ? -1.110  2.718   -3.582  1.00 26.43 ? 101 3F2 B CAL   1 
HETATM 511 C  CAO   . 3F2 D 3 .  ? 0.111   3.852   -5.791  1.00 29.38 ? 101 3F2 B CAO   1 
HETATM 512 C  CAK   . 3F2 D 3 .  ? -1.268  4.014   -5.479  1.00 31.89 ? 101 3F2 B CAK   1 
HETATM 513 C  CBJ   . 3F2 D 3 .  ? -1.889  3.466   -4.403  1.00 28.08 ? 101 3F2 B CBJ   1 
HETATM 514 C  CBD   . 3F2 D 3 .  ? -3.194  3.705   -4.138  1.00 30.07 ? 101 3F2 B CBD   1 
HETATM 515 O  OAB   . 3F2 D 3 .  ? -3.787  4.227   -5.047  1.00 37.71 ? 101 3F2 B OAB   1 
HETATM 516 N  NBB   . 3F2 D 3 .  ? -3.710  3.454   -2.855  1.00 32.84 ? 101 3F2 B NBB   1 
HETATM 517 C  CBH   . 3F2 D 3 .  ? -4.976  3.637   -2.651  1.00 27.52 ? 101 3F2 B CBH   1 
HETATM 518 C  CAR   . 3F2 D 3 .  ? -5.747  3.539   -1.512  1.00 35.10 ? 101 3F2 B CAR   1 
HETATM 519 C  CAF   . 3F2 D 3 .  ? -5.661  3.946   -3.775  1.00 31.49 ? 101 3F2 B CAF   1 
HETATM 520 C  CAD   . 3F2 D 3 .  ? -6.960  4.148   -3.896  1.00 36.45 ? 101 3F2 B CAD   1 
HETATM 521 C  CAH   . 3F2 D 3 .  ? -7.680  4.070   -2.777  1.00 32.89 ? 101 3F2 B CAH   1 
HETATM 522 C  CBL   . 3F2 D 3 .  ? -7.105  3.772   -1.625  1.00 31.35 ? 101 3F2 B CBL   1 
HETATM 523 C  CBF   . 3F2 D 3 .  ? -7.992  3.726   -0.659  1.00 40.01 ? 101 3F2 B CBF   1 
HETATM 524 N  NAX   . 3F2 D 3 .  ? -7.822  3.026   0.452   1.00 37.94 ? 101 3F2 B NAX   1 
HETATM 525 C  CAT   . 3F2 D 3 .  ? -8.832  2.956   1.234   1.00 25.80 ? 101 3F2 B CAT   1 
HETATM 526 C  CAV   . 3F2 D 3 .  ? -9.875  3.881   0.488   1.00 46.53 ? 101 3F2 B CAV   1 
HETATM 527 N  NAZ   . 3F2 D 3 .  ? -9.221  4.197   -0.789  1.00 47.55 ? 101 3F2 B NAZ   1 
HETATM 528 O  O     . HOH E 4 .  ? -0.269  7.050   17.306  1.00 28.56 ? 201 HOH A O     1 
HETATM 529 O  O     . HOH E 4 .  ? -2.925  -3.428  -8.956  1.00 27.33 ? 202 HOH A O     1 
HETATM 530 O  O     . HOH E 4 .  ? 17.839  -15.403 -2.492  1.00 29.86 ? 203 HOH A O     1 
HETATM 531 O  O     . HOH E 4 .  ? -11.637 -1.022  -6.188  1.00 16.47 ? 204 HOH A O     1 
HETATM 532 O  O     . HOH E 4 .  ? -12.844 0.842   1.003   1.00 27.18 ? 205 HOH A O     1 
HETATM 533 O  O     . HOH E 4 .  ? -14.726 -2.350  0.568   1.00 23.99 ? 206 HOH A O     1 
HETATM 534 O  O     . HOH E 4 .  ? -3.307  12.638  5.096   1.00 14.35 ? 207 HOH A O     1 
HETATM 535 O  O     . HOH E 4 .  ? -0.976  11.877  6.720   1.00 14.40 ? 208 HOH A O     1 
HETATM 536 O  O     . HOH E 4 .  ? -9.779  -3.915  -3.486  1.00 15.35 ? 209 HOH A O     1 
HETATM 537 O  O     . HOH E 4 .  ? -12.018 -2.257  -2.535  1.00 14.49 ? 210 HOH A O     1 
HETATM 538 O  O     . HOH E 4 .  ? 1.079   10.158  10.336  1.00 21.14 ? 211 HOH A O     1 
HETATM 539 O  O     . HOH E 4 .  ? -11.370 -4.848  -1.349  1.00 16.17 ? 212 HOH A O     1 
HETATM 540 O  O     . HOH E 4 .  ? -5.845  -3.728  -5.228  1.00 19.21 ? 213 HOH A O     1 
HETATM 541 O  O     . HOH E 4 .  ? 15.397  -10.216 -9.285  1.00 32.20 ? 214 HOH A O     1 
HETATM 542 O  O     . HOH E 4 .  ? -0.890  1.714   12.367  1.00 29.57 ? 215 HOH A O     1 
HETATM 543 O  O     . HOH E 4 .  ? 17.026  -13.272 -0.100  1.00 35.80 ? 216 HOH A O     1 
HETATM 544 O  O     . HOH E 4 .  ? -4.678  14.666  4.021   1.00 25.21 ? 217 HOH A O     1 
HETATM 545 O  O     . HOH E 4 .  ? 9.557   -6.092  -3.840  1.00 24.29 ? 218 HOH A O     1 
HETATM 546 O  O     . HOH E 4 .  ? -1.783  19.076  9.838   1.00 24.14 ? 219 HOH A O     1 
HETATM 547 O  O     . HOH E 4 .  ? -2.795  18.174  6.188   1.00 28.72 ? 220 HOH A O     1 
HETATM 548 O  O     . HOH E 4 .  ? -7.898  -5.590  -2.189  1.00 23.94 ? 221 HOH A O     1 
HETATM 549 O  O     . HOH E 4 .  ? 2.264   8.477   5.034   1.00 21.74 ? 222 HOH A O     1 
HETATM 550 O  O     . HOH E 4 .  ? -0.228  4.648   5.996   1.00 22.12 ? 223 HOH A O     1 
HETATM 551 O  O     . HOH E 4 .  ? -4.209  -3.869  2.933   1.00 28.49 ? 224 HOH A O     1 
HETATM 552 O  O     . HOH E 4 .  ? -2.638  -5.344  1.005   1.00 26.68 ? 225 HOH A O     1 
HETATM 553 O  O     . HOH E 4 .  ? 0.640   7.259   6.867   1.00 22.03 ? 226 HOH A O     1 
HETATM 554 O  O     . HOH E 4 .  ? -12.611 0.012   -3.841  1.00 20.22 ? 227 HOH A O     1 
HETATM 555 O  O     . HOH E 4 .  ? 0.343   5.322   10.650  1.00 30.95 ? 228 HOH A O     1 
HETATM 556 O  O     . HOH E 4 .  ? 0.284   -6.529  -8.219  1.00 24.81 ? 229 HOH A O     1 
HETATM 557 O  O     . HOH E 4 .  ? 1.597   7.691   9.544   1.00 26.10 ? 230 HOH A O     1 
HETATM 558 O  O     . HOH E 4 .  ? -2.304  -0.777  9.037   1.00 33.43 ? 231 HOH A O     1 
HETATM 559 O  O     . HOH F 4 .  ? 2.967   8.205   0.087   1.00 27.21 ? 201 HOH B O     1 
HETATM 560 O  O     . HOH F 4 .  ? -1.637  10.612  4.056   1.00 14.03 ? 202 HOH B O     1 
HETATM 561 O  O     . HOH F 4 .  ? 1.695   -19.095 -2.400  1.00 21.87 ? 203 HOH B O     1 
HETATM 562 O  O     . HOH F 4 .  ? -5.853  11.576  -4.924  1.00 20.13 ? 204 HOH B O     1 
HETATM 563 O  O     . HOH F 4 .  ? -7.008  12.163  -1.198  1.00 21.57 ? 205 HOH B O     1 
HETATM 564 O  O     . HOH F 4 .  ? -3.399  11.830  1.247   1.00 18.15 ? 206 HOH B O     1 
HETATM 565 O  O     . HOH F 4 .  ? -10.401 7.114   3.841   1.00 28.28 ? 207 HOH B O     1 
HETATM 566 O  O     . HOH F 4 .  ? 0.091   8.628   3.367   1.00 17.53 ? 208 HOH B O     1 
HETATM 567 O  O     . HOH F 4 .  ? -1.700  10.644  -0.633  1.00 25.30 ? 209 HOH B O     1 
HETATM 568 O  O     . HOH F 4 .  ? -7.450  14.090  2.909   1.00 23.50 ? 210 HOH B O     1 
HETATM 569 O  O     . HOH F 4 .  ? 2.844   -10.681 -10.150 1.00 27.68 ? 211 HOH B O     1 
HETATM 570 O  O     . HOH F 4 .  ? -0.129  -8.805  -3.847  1.00 33.15 ? 212 HOH B O     1 
# 
loop_
_pdbx_poly_seq_scheme.asym_id 
_pdbx_poly_seq_scheme.entity_id 
_pdbx_poly_seq_scheme.seq_id 
_pdbx_poly_seq_scheme.mon_id 
_pdbx_poly_seq_scheme.ndb_seq_num 
_pdbx_poly_seq_scheme.pdb_seq_num 
_pdbx_poly_seq_scheme.auth_seq_num 
_pdbx_poly_seq_scheme.pdb_mon_id 
_pdbx_poly_seq_scheme.auth_mon_id 
_pdbx_poly_seq_scheme.pdb_strand_id 
_pdbx_poly_seq_scheme.pdb_ins_code 
_pdbx_poly_seq_scheme.hetero 
A 1 1  DC 1  1  1  DC DC A . n 
A 1 2  DG 2  2  2  DG DG A . n 
A 1 3  DC 3  3  3  DC DC A . n 
A 1 4  DG 4  4  4  DG DG A . n 
A 1 5  DA 5  5  5  DA DA A . n 
A 1 6  DA 6  6  6  DA DA A . n 
A 1 7  DT 7  7  7  DT DT A . n 
A 1 8  DT 8  8  8  DT DT A . n 
A 1 9  DC 9  9  9  DC DC A . n 
A 1 10 DG 10 10 10 DG DG A . n 
A 1 11 DC 11 11 11 DC DC A . n 
A 1 12 DG 12 12 12 DG DG A . n 
B 1 1  DC 1  13 13 DC DC B . n 
B 1 2  DG 2  14 14 DG DG B . n 
B 1 3  DC 3  15 15 DC DC B . n 
B 1 4  DG 4  16 16 DG DG B . n 
B 1 5  DA 5  17 17 DA DA B . n 
B 1 6  DA 6  18 18 DA DA B . n 
B 1 7  DT 7  19 19 DT DT B . n 
B 1 8  DT 8  20 20 DT DT B . n 
B 1 9  DC 9  21 21 DC DC B . n 
B 1 10 DG 10 22 22 DG DG B . n 
B 1 11 DC 11 23 23 DC DC B . n 
B 1 12 DG 12 24 24 DG DG B . n 
# 
loop_
_pdbx_nonpoly_scheme.asym_id 
_pdbx_nonpoly_scheme.entity_id 
_pdbx_nonpoly_scheme.mon_id 
_pdbx_nonpoly_scheme.ndb_seq_num 
_pdbx_nonpoly_scheme.pdb_seq_num 
_pdbx_nonpoly_scheme.auth_seq_num 
_pdbx_nonpoly_scheme.pdb_mon_id 
_pdbx_nonpoly_scheme.auth_mon_id 
_pdbx_nonpoly_scheme.pdb_strand_id 
_pdbx_nonpoly_scheme.pdb_ins_code 
C 2 MG  1  101 1  MG  MG  A . 
D 3 3F2 1  101 1  3F2 DRG B . 
E 4 HOH 1  201 33 HOH HOH A . 
E 4 HOH 2  202 12 HOH HOH A . 
E 4 HOH 3  203 37 HOH HOH A . 
E 4 HOH 4  204 2  HOH HOH A . 
E 4 HOH 5  205 42 HOH HOH A . 
E 4 HOH 6  206 28 HOH HOH A . 
E 4 HOH 7  207 22 HOH HOH A . 
E 4 HOH 8  208 21 HOH HOH A . 
E 4 HOH 9  209 25 HOH HOH A . 
E 4 HOH 10 210 24 HOH HOH A . 
E 4 HOH 11 211 7  HOH HOH A . 
E 4 HOH 12 212 20 HOH HOH A . 
E 4 HOH 13 213 1  HOH HOH A . 
E 4 HOH 14 214 34 HOH HOH A . 
E 4 HOH 15 215 41 HOH HOH A . 
E 4 HOH 16 216 38 HOH HOH A . 
E 4 HOH 17 217 17 HOH HOH A . 
E 4 HOH 18 218 36 HOH HOH A . 
E 4 HOH 19 219 30 HOH HOH A . 
E 4 HOH 20 220 31 HOH HOH A . 
E 4 HOH 21 221 14 HOH HOH A . 
E 4 HOH 22 222 19 HOH HOH A . 
E 4 HOH 23 223 9  HOH HOH A . 
E 4 HOH 24 224 13 HOH HOH A . 
E 4 HOH 25 225 15 HOH HOH A . 
E 4 HOH 26 226 16 HOH HOH A . 
E 4 HOH 27 227 18 HOH HOH A . 
E 4 HOH 28 228 27 HOH HOH A . 
E 4 HOH 29 229 29 HOH HOH A . 
E 4 HOH 30 230 32 HOH HOH A . 
E 4 HOH 31 231 40 HOH HOH A . 
F 4 HOH 1  201 26 HOH HOH B . 
F 4 HOH 2  202 23 HOH HOH B . 
F 4 HOH 3  203 10 HOH HOH B . 
F 4 HOH 4  204 5  HOH HOH B . 
F 4 HOH 5  205 43 HOH HOH B . 
F 4 HOH 6  206 3  HOH HOH B . 
F 4 HOH 7  207 39 HOH HOH B . 
F 4 HOH 8  208 6  HOH HOH B . 
F 4 HOH 9  209 4  HOH HOH B . 
F 4 HOH 10 210 8  HOH HOH B . 
F 4 HOH 11 211 11 HOH HOH B . 
F 4 HOH 12 212 35 HOH HOH B . 
# 
_pdbx_struct_assembly.id                   1 
_pdbx_struct_assembly.details              author_and_software_defined_assembly 
_pdbx_struct_assembly.method_details       PISA 
_pdbx_struct_assembly.oligomeric_details   dimeric 
_pdbx_struct_assembly.oligomeric_count     2 
# 
_pdbx_struct_assembly_gen.assembly_id       1 
_pdbx_struct_assembly_gen.oper_expression   1 
_pdbx_struct_assembly_gen.asym_id_list      A,B,C,D,E,F 
# 
loop_
_pdbx_struct_assembly_prop.biol_id 
_pdbx_struct_assembly_prop.type 
_pdbx_struct_assembly_prop.value 
_pdbx_struct_assembly_prop.details 
1 'ABSA (A^2)' 1610 ? 
1 MORE         -5   ? 
1 'SSA (A^2)'  4340 ? 
# 
_pdbx_struct_oper_list.id                   1 
_pdbx_struct_oper_list.type                 'identity operation' 
_pdbx_struct_oper_list.name                 1_555 
_pdbx_struct_oper_list.symmetry_operation   x,y,z 
_pdbx_struct_oper_list.matrix[1][1]         1.0000000000 
_pdbx_struct_oper_list.matrix[1][2]         0.0000000000 
_pdbx_struct_oper_list.matrix[1][3]         0.0000000000 
_pdbx_struct_oper_list.vector[1]            0.0000000000 
_pdbx_struct_oper_list.matrix[2][1]         0.0000000000 
_pdbx_struct_oper_list.matrix[2][2]         1.0000000000 
_pdbx_struct_oper_list.matrix[2][3]         0.0000000000 
_pdbx_struct_oper_list.vector[2]            0.0000000000 
_pdbx_struct_oper_list.matrix[3][1]         0.0000000000 
_pdbx_struct_oper_list.matrix[3][2]         0.0000000000 
_pdbx_struct_oper_list.matrix[3][3]         1.0000000000 
_pdbx_struct_oper_list.vector[3]            0.0000000000 
# 
loop_
_pdbx_struct_conn_angle.id 
_pdbx_struct_conn_angle.ptnr1_label_atom_id 
_pdbx_struct_conn_angle.ptnr1_label_alt_id 
_pdbx_struct_conn_angle.ptnr1_label_asym_id 
_pdbx_struct_conn_angle.ptnr1_label_comp_id 
_pdbx_struct_conn_angle.ptnr1_label_seq_id 
_pdbx_struct_conn_angle.ptnr1_auth_atom_id 
_pdbx_struct_conn_angle.ptnr1_auth_asym_id 
_pdbx_struct_conn_angle.ptnr1_auth_comp_id 
_pdbx_struct_conn_angle.ptnr1_auth_seq_id 
_pdbx_struct_conn_angle.ptnr1_PDB_ins_code 
_pdbx_struct_conn_angle.ptnr1_symmetry 
_pdbx_struct_conn_angle.ptnr2_label_atom_id 
_pdbx_struct_conn_angle.ptnr2_label_alt_id 
_pdbx_struct_conn_angle.ptnr2_label_asym_id 
_pdbx_struct_conn_angle.ptnr2_label_comp_id 
_pdbx_struct_conn_angle.ptnr2_label_seq_id 
_pdbx_struct_conn_angle.ptnr2_auth_atom_id 
_pdbx_struct_conn_angle.ptnr2_auth_asym_id 
_pdbx_struct_conn_angle.ptnr2_auth_comp_id 
_pdbx_struct_conn_angle.ptnr2_auth_seq_id 
_pdbx_struct_conn_angle.ptnr2_PDB_ins_code 
_pdbx_struct_conn_angle.ptnr2_symmetry 
_pdbx_struct_conn_angle.ptnr3_label_atom_id 
_pdbx_struct_conn_angle.ptnr3_label_alt_id 
_pdbx_struct_conn_angle.ptnr3_label_asym_id 
_pdbx_struct_conn_angle.ptnr3_label_comp_id 
_pdbx_struct_conn_angle.ptnr3_label_seq_id 
_pdbx_struct_conn_angle.ptnr3_auth_atom_id 
_pdbx_struct_conn_angle.ptnr3_auth_asym_id 
_pdbx_struct_conn_angle.ptnr3_auth_comp_id 
_pdbx_struct_conn_angle.ptnr3_auth_seq_id 
_pdbx_struct_conn_angle.ptnr3_PDB_ins_code 
_pdbx_struct_conn_angle.ptnr3_symmetry 
_pdbx_struct_conn_angle.value 
_pdbx_struct_conn_angle.value_esd 
1  O ? E HOH . ? A HOH 207 ? 1_555 MG ? C MG . ? A MG 101 ? 1_555 O ? E HOH . ? A HOH 208 ? 1_555 90.3  ? 
2  O ? E HOH . ? A HOH 207 ? 1_555 MG ? C MG . ? A MG 101 ? 1_555 O ? E HOH . ? A HOH 209 ? 3_655 95.1  ? 
3  O ? E HOH . ? A HOH 208 ? 1_555 MG ? C MG . ? A MG 101 ? 1_555 O ? E HOH . ? A HOH 209 ? 3_655 88.4  ? 
4  O ? E HOH . ? A HOH 207 ? 1_555 MG ? C MG . ? A MG 101 ? 1_555 O ? E HOH . ? A HOH 210 ? 3_655 172.5 ? 
5  O ? E HOH . ? A HOH 208 ? 1_555 MG ? C MG . ? A MG 101 ? 1_555 O ? E HOH . ? A HOH 210 ? 3_655 91.1  ? 
6  O ? E HOH . ? A HOH 209 ? 3_655 MG ? C MG . ? A MG 101 ? 1_555 O ? E HOH . ? A HOH 210 ? 3_655 92.2  ? 
7  O ? E HOH . ? A HOH 207 ? 1_555 MG ? C MG . ? A MG 101 ? 1_555 O ? E HOH . ? A HOH 212 ? 3_655 87.3  ? 
8  O ? E HOH . ? A HOH 208 ? 1_555 MG ? C MG . ? A MG 101 ? 1_555 O ? E HOH . ? A HOH 212 ? 3_655 174.5 ? 
9  O ? E HOH . ? A HOH 209 ? 3_655 MG ? C MG . ? A MG 101 ? 1_555 O ? E HOH . ? A HOH 212 ? 3_655 86.9  ? 
10 O ? E HOH . ? A HOH 210 ? 3_655 MG ? C MG . ? A MG 101 ? 1_555 O ? E HOH . ? A HOH 212 ? 3_655 91.8  ? 
11 O ? E HOH . ? A HOH 207 ? 1_555 MG ? C MG . ? A MG 101 ? 1_555 O ? F HOH . ? B HOH 202 ? 1_555 85.9  ? 
12 O ? E HOH . ? A HOH 208 ? 1_555 MG ? C MG . ? A MG 101 ? 1_555 O ? F HOH . ? B HOH 202 ? 1_555 94.4  ? 
13 O ? E HOH . ? A HOH 209 ? 3_655 MG ? C MG . ? A MG 101 ? 1_555 O ? F HOH . ? B HOH 202 ? 1_555 177.1 ? 
14 O ? E HOH . ? A HOH 210 ? 3_655 MG ? C MG . ? A MG 101 ? 1_555 O ? F HOH . ? B HOH 202 ? 1_555 86.7  ? 
15 O ? E HOH . ? A HOH 212 ? 3_655 MG ? C MG . ? A MG 101 ? 1_555 O ? F HOH . ? B HOH 202 ? 1_555 90.4  ? 
# 
loop_
_pdbx_audit_revision_history.ordinal 
_pdbx_audit_revision_history.data_content_type 
_pdbx_audit_revision_history.major_revision 
_pdbx_audit_revision_history.minor_revision 
_pdbx_audit_revision_history.revision_date 
1 'Structure model' 1 0 2015-02-04 
2 'Structure model' 1 1 2015-02-25 
3 'Structure model' 1 2 2017-09-13 
4 'Structure model' 1 3 2019-12-25 
5 'Structure model' 1 4 2023-09-27 
# 
_pdbx_audit_revision_details.ordinal             1 
_pdbx_audit_revision_details.revision_ordinal    1 
_pdbx_audit_revision_details.data_content_type   'Structure model' 
_pdbx_audit_revision_details.provider            repository 
_pdbx_audit_revision_details.type                'Initial release' 
_pdbx_audit_revision_details.description         ? 
_pdbx_audit_revision_details.details             ? 
# 
loop_
_pdbx_audit_revision_group.ordinal 
_pdbx_audit_revision_group.revision_ordinal 
_pdbx_audit_revision_group.data_content_type 
_pdbx_audit_revision_group.group 
1  2 'Structure model' 'Database references'        
2  3 'Structure model' 'Author supporting evidence' 
3  3 'Structure model' 'Database references'        
4  3 'Structure model' 'Derived calculations'       
5  3 'Structure model' 'Refinement description'     
6  3 'Structure model' 'Source and taxonomy'        
7  4 'Structure model' 'Author supporting evidence' 
8  5 'Structure model' 'Data collection'            
9  5 'Structure model' 'Database references'        
10 5 'Structure model' 'Derived calculations'       
11 5 'Structure model' 'Refinement description'     
# 
loop_
_pdbx_audit_revision_category.ordinal 
_pdbx_audit_revision_category.revision_ordinal 
_pdbx_audit_revision_category.data_content_type 
_pdbx_audit_revision_category.category 
1  3 'Structure model' citation                      
2  3 'Structure model' pdbx_audit_support            
3  3 'Structure model' pdbx_entity_src_syn           
4  3 'Structure model' pdbx_struct_oper_list         
5  3 'Structure model' software                      
6  4 'Structure model' pdbx_audit_support            
7  5 'Structure model' chem_comp_atom                
8  5 'Structure model' chem_comp_bond                
9  5 'Structure model' database_2                    
10 5 'Structure model' pdbx_initial_refinement_model 
11 5 'Structure model' pdbx_struct_conn_angle        
12 5 'Structure model' struct_conn                   
# 
loop_
_pdbx_audit_revision_item.ordinal 
_pdbx_audit_revision_item.revision_ordinal 
_pdbx_audit_revision_item.data_content_type 
_pdbx_audit_revision_item.item 
1  3 'Structure model' '_citation.journal_id_CSD'                    
2  3 'Structure model' '_pdbx_audit_support.funding_organization'    
3  3 'Structure model' '_pdbx_entity_src_syn.pdbx_alt_source_flag'   
4  3 'Structure model' '_pdbx_struct_oper_list.symmetry_operation'   
5  4 'Structure model' '_pdbx_audit_support.funding_organization'    
6  5 'Structure model' '_database_2.pdbx_DOI'                        
7  5 'Structure model' '_database_2.pdbx_database_accession'         
8  5 'Structure model' '_pdbx_struct_conn_angle.ptnr1_auth_asym_id'  
9  5 'Structure model' '_pdbx_struct_conn_angle.ptnr1_auth_seq_id'   
10 5 'Structure model' '_pdbx_struct_conn_angle.ptnr1_label_asym_id' 
11 5 'Structure model' '_pdbx_struct_conn_angle.ptnr1_symmetry'      
12 5 'Structure model' '_pdbx_struct_conn_angle.ptnr3_auth_asym_id'  
13 5 'Structure model' '_pdbx_struct_conn_angle.ptnr3_auth_seq_id'   
14 5 'Structure model' '_pdbx_struct_conn_angle.ptnr3_label_asym_id' 
15 5 'Structure model' '_pdbx_struct_conn_angle.ptnr3_symmetry'      
16 5 'Structure model' '_pdbx_struct_conn_angle.value'               
17 5 'Structure model' '_struct_conn.pdbx_dist_value'                
18 5 'Structure model' '_struct_conn.ptnr2_auth_asym_id'             
19 5 'Structure model' '_struct_conn.ptnr2_auth_seq_id'              
20 5 'Structure model' '_struct_conn.ptnr2_label_asym_id'            
21 5 'Structure model' '_struct_conn.ptnr2_symmetry'                 
# 
loop_
_software.citation_id 
_software.classification 
_software.compiler_name 
_software.compiler_version 
_software.contact_author 
_software.contact_author_email 
_software.date 
_software.description 
_software.dependencies 
_software.hardware 
_software.language 
_software.location 
_software.mods 
_software.name 
_software.os 
_software.os_version 
_software.type 
_software.version 
_software.pdbx_ordinal 
? 'data reduction'  ? ? ? ? ? ? ? ? ? ? ? HKL-3000    ? ? ? .            1 
? refinement        ? ? ? ? ? ? ? ? ? ? ? REFMAC      ? ? ? 5.6.0117     2 
? 'data extraction' ? ? ? ? ? ? ? ? ? ? ? PDB_EXTRACT ? ? ? 3.14         3 
? 'data reduction'  ? ? ? ? ? ? ? ? ? ? ? DENZO       ? ? ? .            4 
? 'data scaling'    ? ? ? ? ? ? ? ? ? ? ? SCALEPACK   ? ? ? .            5 
? phasing           ? ? ? ? ? ? ? ? ? ? ? MOLREP      ? ? ? 'CCP4 6.2.0' 6 
# 
_pdbx_validate_rmsd_bond.id                        1 
_pdbx_validate_rmsd_bond.PDB_model_num             1 
_pdbx_validate_rmsd_bond.auth_atom_id_1            "O3'" 
_pdbx_validate_rmsd_bond.auth_asym_id_1            B 
_pdbx_validate_rmsd_bond.auth_comp_id_1            DA 
_pdbx_validate_rmsd_bond.auth_seq_id_1             17 
_pdbx_validate_rmsd_bond.PDB_ins_code_1            ? 
_pdbx_validate_rmsd_bond.label_alt_id_1            ? 
_pdbx_validate_rmsd_bond.auth_atom_id_2            P 
_pdbx_validate_rmsd_bond.auth_asym_id_2            B 
_pdbx_validate_rmsd_bond.auth_comp_id_2            DA 
_pdbx_validate_rmsd_bond.auth_seq_id_2             18 
_pdbx_validate_rmsd_bond.PDB_ins_code_2            ? 
_pdbx_validate_rmsd_bond.label_alt_id_2            ? 
_pdbx_validate_rmsd_bond.bond_value                1.528 
_pdbx_validate_rmsd_bond.bond_target_value         1.607 
_pdbx_validate_rmsd_bond.bond_deviation            -0.079 
_pdbx_validate_rmsd_bond.bond_standard_deviation   0.012 
_pdbx_validate_rmsd_bond.linker_flag               Y 
# 
loop_
_pdbx_validate_rmsd_angle.id 
_pdbx_validate_rmsd_angle.PDB_model_num 
_pdbx_validate_rmsd_angle.auth_atom_id_1 
_pdbx_validate_rmsd_angle.auth_asym_id_1 
_pdbx_validate_rmsd_angle.auth_comp_id_1 
_pdbx_validate_rmsd_angle.auth_seq_id_1 
_pdbx_validate_rmsd_angle.PDB_ins_code_1 
_pdbx_validate_rmsd_angle.label_alt_id_1 
_pdbx_validate_rmsd_angle.auth_atom_id_2 
_pdbx_validate_rmsd_angle.auth_asym_id_2 
_pdbx_validate_rmsd_angle.auth_comp_id_2 
_pdbx_validate_rmsd_angle.auth_seq_id_2 
_pdbx_validate_rmsd_angle.PDB_ins_code_2 
_pdbx_validate_rmsd_angle.label_alt_id_2 
_pdbx_validate_rmsd_angle.auth_atom_id_3 
_pdbx_validate_rmsd_angle.auth_asym_id_3 
_pdbx_validate_rmsd_angle.auth_comp_id_3 
_pdbx_validate_rmsd_angle.auth_seq_id_3 
_pdbx_validate_rmsd_angle.PDB_ins_code_3 
_pdbx_validate_rmsd_angle.label_alt_id_3 
_pdbx_validate_rmsd_angle.angle_value 
_pdbx_validate_rmsd_angle.angle_target_value 
_pdbx_validate_rmsd_angle.angle_deviation 
_pdbx_validate_rmsd_angle.angle_standard_deviation 
_pdbx_validate_rmsd_angle.linker_flag 
1 1 "C3'" A DC 9  ? ? "O3'" A DC 9  ? ? P   A DG 10 ? ? 130.41 119.70 10.71  1.20 Y 
2 1 "O5'" A DG 10 ? ? P     A DG 10 ? ? OP1 A DG 10 ? ? 118.59 110.70 7.89   1.20 N 
3 1 "O5'" A DG 10 ? ? P     A DG 10 ? ? OP2 A DG 10 ? ? 94.10  105.70 -11.60 0.90 N 
4 1 "C3'" A DG 10 ? ? "O3'" A DG 10 ? ? P   A DC 11 ? ? 128.51 119.70 8.81   1.20 Y 
5 1 "O5'" A DG 12 ? ? P     A DG 12 ? ? OP2 A DG 12 ? ? 98.89  105.70 -6.81  0.90 N 
6 1 "C3'" B DA 17 ? ? "O3'" B DA 17 ? ? P   B DA 18 ? ? 129.93 119.70 10.23  1.20 Y 
7 1 "O5'" B DG 24 ? ? P     B DG 24 ? ? OP1 B DG 24 ? ? 99.37  105.70 -6.33  0.90 N 
# 
loop_
_chem_comp_atom.comp_id 
_chem_comp_atom.atom_id 
_chem_comp_atom.type_symbol 
_chem_comp_atom.pdbx_aromatic_flag 
_chem_comp_atom.pdbx_stereo_config 
_chem_comp_atom.pdbx_ordinal 
3F2 NAY    N  N N 1   
3F2 CAU    C  N N 2   
3F2 CAS    C  N N 3   
3F2 NAW    N  N N 4   
3F2 CBE    C  N N 5   
3F2 CBK    C  Y N 6   
3F2 CAQ    C  Y N 7   
3F2 CAG    C  Y N 8   
3F2 CAC    C  Y N 9   
3F2 CAE    C  Y N 10  
3F2 CBG    C  Y N 11  
3F2 NBA    N  N N 12  
3F2 CBC    C  N N 13  
3F2 OAA    O  N N 14  
3F2 CBI    C  Y N 15  
3F2 CAJ    C  Y N 16  
3F2 CAN    C  Y N 17  
3F2 CAI    C  Y N 18  
3F2 CAM    C  Y N 19  
3F2 CBM    C  Y N 20  
3F2 CBN    C  Y N 21  
3F2 CAP    C  Y N 22  
3F2 CAL    C  Y N 23  
3F2 CAO    C  Y N 24  
3F2 CAK    C  Y N 25  
3F2 CBJ    C  Y N 26  
3F2 CBD    C  N N 27  
3F2 OAB    O  N N 28  
3F2 NBB    N  N N 29  
3F2 CBH    C  Y N 30  
3F2 CAR    C  Y N 31  
3F2 CAF    C  Y N 32  
3F2 CAD    C  Y N 33  
3F2 CAH    C  Y N 34  
3F2 CBL    C  Y N 35  
3F2 CBF    C  N N 36  
3F2 NAX    N  N N 37  
3F2 CAT    C  N N 38  
3F2 CAV    C  N N 39  
3F2 NAZ    N  N N 40  
3F2 H1     H  N N 41  
3F2 H3     H  N N 42  
3F2 H4     H  N N 43  
3F2 H5     H  N N 44  
3F2 H6     H  N N 45  
3F2 H10    H  N N 46  
3F2 H11    H  N N 47  
3F2 H12    H  N N 48  
3F2 H13    H  N N 49  
3F2 H14    H  N N 50  
3F2 H15    H  N N 51  
3F2 H16    H  N N 52  
3F2 H17    H  N N 53  
3F2 H18    H  N N 54  
3F2 H19    H  N N 55  
3F2 H20    H  N N 56  
3F2 H21    H  N N 57  
3F2 H22    H  N N 58  
3F2 H23    H  N N 59  
3F2 H24    H  N N 60  
3F2 H25    H  N N 61  
3F2 H26    H  N N 62  
3F2 H27    H  N N 63  
3F2 H28    H  N N 64  
3F2 H29    H  N N 65  
3F2 H30    H  N N 66  
3F2 H2     H  N N 67  
3F2 H7     H  N N 68  
DA  OP3    O  N N 69  
DA  P      P  N N 70  
DA  OP1    O  N N 71  
DA  OP2    O  N N 72  
DA  "O5'"  O  N N 73  
DA  "C5'"  C  N N 74  
DA  "C4'"  C  N R 75  
DA  "O4'"  O  N N 76  
DA  "C3'"  C  N S 77  
DA  "O3'"  O  N N 78  
DA  "C2'"  C  N N 79  
DA  "C1'"  C  N R 80  
DA  N9     N  Y N 81  
DA  C8     C  Y N 82  
DA  N7     N  Y N 83  
DA  C5     C  Y N 84  
DA  C6     C  Y N 85  
DA  N6     N  N N 86  
DA  N1     N  Y N 87  
DA  C2     C  Y N 88  
DA  N3     N  Y N 89  
DA  C4     C  Y N 90  
DA  HOP3   H  N N 91  
DA  HOP2   H  N N 92  
DA  "H5'"  H  N N 93  
DA  "H5''" H  N N 94  
DA  "H4'"  H  N N 95  
DA  "H3'"  H  N N 96  
DA  "HO3'" H  N N 97  
DA  "H2'"  H  N N 98  
DA  "H2''" H  N N 99  
DA  "H1'"  H  N N 100 
DA  H8     H  N N 101 
DA  H61    H  N N 102 
DA  H62    H  N N 103 
DA  H2     H  N N 104 
DC  OP3    O  N N 105 
DC  P      P  N N 106 
DC  OP1    O  N N 107 
DC  OP2    O  N N 108 
DC  "O5'"  O  N N 109 
DC  "C5'"  C  N N 110 
DC  "C4'"  C  N R 111 
DC  "O4'"  O  N N 112 
DC  "C3'"  C  N S 113 
DC  "O3'"  O  N N 114 
DC  "C2'"  C  N N 115 
DC  "C1'"  C  N R 116 
DC  N1     N  N N 117 
DC  C2     C  N N 118 
DC  O2     O  N N 119 
DC  N3     N  N N 120 
DC  C4     C  N N 121 
DC  N4     N  N N 122 
DC  C5     C  N N 123 
DC  C6     C  N N 124 
DC  HOP3   H  N N 125 
DC  HOP2   H  N N 126 
DC  "H5'"  H  N N 127 
DC  "H5''" H  N N 128 
DC  "H4'"  H  N N 129 
DC  "H3'"  H  N N 130 
DC  "HO3'" H  N N 131 
DC  "H2'"  H  N N 132 
DC  "H2''" H  N N 133 
DC  "H1'"  H  N N 134 
DC  H41    H  N N 135 
DC  H42    H  N N 136 
DC  H5     H  N N 137 
DC  H6     H  N N 138 
DG  OP3    O  N N 139 
DG  P      P  N N 140 
DG  OP1    O  N N 141 
DG  OP2    O  N N 142 
DG  "O5'"  O  N N 143 
DG  "C5'"  C  N N 144 
DG  "C4'"  C  N R 145 
DG  "O4'"  O  N N 146 
DG  "C3'"  C  N S 147 
DG  "O3'"  O  N N 148 
DG  "C2'"  C  N N 149 
DG  "C1'"  C  N R 150 
DG  N9     N  Y N 151 
DG  C8     C  Y N 152 
DG  N7     N  Y N 153 
DG  C5     C  Y N 154 
DG  C6     C  N N 155 
DG  O6     O  N N 156 
DG  N1     N  N N 157 
DG  C2     C  N N 158 
DG  N2     N  N N 159 
DG  N3     N  N N 160 
DG  C4     C  Y N 161 
DG  HOP3   H  N N 162 
DG  HOP2   H  N N 163 
DG  "H5'"  H  N N 164 
DG  "H5''" H  N N 165 
DG  "H4'"  H  N N 166 
DG  "H3'"  H  N N 167 
DG  "HO3'" H  N N 168 
DG  "H2'"  H  N N 169 
DG  "H2''" H  N N 170 
DG  "H1'"  H  N N 171 
DG  H8     H  N N 172 
DG  H1     H  N N 173 
DG  H21    H  N N 174 
DG  H22    H  N N 175 
DT  OP3    O  N N 176 
DT  P      P  N N 177 
DT  OP1    O  N N 178 
DT  OP2    O  N N 179 
DT  "O5'"  O  N N 180 
DT  "C5'"  C  N N 181 
DT  "C4'"  C  N R 182 
DT  "O4'"  O  N N 183 
DT  "C3'"  C  N S 184 
DT  "O3'"  O  N N 185 
DT  "C2'"  C  N N 186 
DT  "C1'"  C  N R 187 
DT  N1     N  N N 188 
DT  C2     C  N N 189 
DT  O2     O  N N 190 
DT  N3     N  N N 191 
DT  C4     C  N N 192 
DT  O4     O  N N 193 
DT  C5     C  N N 194 
DT  C7     C  N N 195 
DT  C6     C  N N 196 
DT  HOP3   H  N N 197 
DT  HOP2   H  N N 198 
DT  "H5'"  H  N N 199 
DT  "H5''" H  N N 200 
DT  "H4'"  H  N N 201 
DT  "H3'"  H  N N 202 
DT  "HO3'" H  N N 203 
DT  "H2'"  H  N N 204 
DT  "H2''" H  N N 205 
DT  "H1'"  H  N N 206 
DT  H3     H  N N 207 
DT  H71    H  N N 208 
DT  H72    H  N N 209 
DT  H73    H  N N 210 
DT  H6     H  N N 211 
HOH O      O  N N 212 
HOH H1     H  N N 213 
HOH H2     H  N N 214 
MG  MG     MG N N 215 
# 
loop_
_chem_comp_bond.comp_id 
_chem_comp_bond.atom_id_1 
_chem_comp_bond.atom_id_2 
_chem_comp_bond.value_order 
_chem_comp_bond.pdbx_aromatic_flag 
_chem_comp_bond.pdbx_stereo_config 
_chem_comp_bond.pdbx_ordinal 
3F2 CAV   NAZ    sing N N 1   
3F2 CAV   CAT    sing N N 2   
3F2 NAZ   CBF    doub N N 3   
3F2 CAT   NAX    sing N N 4   
3F2 CBF   NAX    sing N N 5   
3F2 CBF   CBL    sing N N 6   
3F2 CAH   CBL    doub Y N 7   
3F2 CAH   CAD    sing Y N 8   
3F2 CBL   CAR    sing Y N 9   
3F2 CAD   CAF    doub Y N 10  
3F2 CAR   CBH    doub Y N 11  
3F2 CAF   CBH    sing Y N 12  
3F2 CBH   NBB    sing N N 13  
3F2 NBB   CBD    sing N N 14  
3F2 OAB   CBD    doub N N 15  
3F2 CBD   CBJ    sing N N 16  
3F2 CBJ   CAK    doub Y N 17  
3F2 CBJ   CAL    sing Y N 18  
3F2 CAK   CAO    sing Y N 19  
3F2 CAL   CAP    doub Y N 20  
3F2 CAO   CBN    doub Y N 21  
3F2 CAP   CBN    sing Y N 22  
3F2 CBN   CBM    sing N N 23  
3F2 CBM   CAM    doub Y N 24  
3F2 CBM   CAN    sing Y N 25  
3F2 CAM   CAI    sing Y N 26  
3F2 CAN   CAJ    doub Y N 27  
3F2 CAI   CBI    doub Y N 28  
3F2 CAJ   CBI    sing Y N 29  
3F2 CBI   CBC    sing N N 30  
3F2 CBC   OAA    doub N N 31  
3F2 CBC   NBA    sing N N 32  
3F2 NBA   CBG    sing N N 33  
3F2 CBG   CAQ    doub Y N 34  
3F2 CBG   CAE    sing Y N 35  
3F2 CAQ   CBK    sing Y N 36  
3F2 CAE   CAC    doub Y N 37  
3F2 NAY   CAU    sing N N 38  
3F2 NAY   CBE    sing N N 39  
3F2 CAC   CAG    sing Y N 40  
3F2 CBK   CBE    sing N N 41  
3F2 CBK   CAG    doub Y N 42  
3F2 CAU   CAS    sing N N 43  
3F2 CBE   NAW    doub N N 44  
3F2 NAW   CAS    sing N N 45  
3F2 NAY   H1     sing N N 46  
3F2 CAU   H3     sing N N 47  
3F2 CAU   H4     sing N N 48  
3F2 CAS   H5     sing N N 49  
3F2 CAS   H6     sing N N 50  
3F2 CAQ   H10    sing N N 51  
3F2 CAG   H11    sing N N 52  
3F2 CAC   H12    sing N N 53  
3F2 CAE   H13    sing N N 54  
3F2 NBA   H14    sing N N 55  
3F2 CAJ   H15    sing N N 56  
3F2 CAN   H16    sing N N 57  
3F2 CAI   H17    sing N N 58  
3F2 CAM   H18    sing N N 59  
3F2 CAP   H19    sing N N 60  
3F2 CAL   H20    sing N N 61  
3F2 CAO   H21    sing N N 62  
3F2 CAK   H22    sing N N 63  
3F2 NBB   H23    sing N N 64  
3F2 CAR   H24    sing N N 65  
3F2 CAF   H25    sing N N 66  
3F2 CAD   H26    sing N N 67  
3F2 CAH   H27    sing N N 68  
3F2 NAX   H28    sing N N 69  
3F2 CAT   H29    sing N N 70  
3F2 CAV   H30    sing N N 71  
3F2 CAT   H2     sing N N 72  
3F2 CAV   H7     sing N N 73  
DA  OP3   P      sing N N 74  
DA  OP3   HOP3   sing N N 75  
DA  P     OP1    doub N N 76  
DA  P     OP2    sing N N 77  
DA  P     "O5'"  sing N N 78  
DA  OP2   HOP2   sing N N 79  
DA  "O5'" "C5'"  sing N N 80  
DA  "C5'" "C4'"  sing N N 81  
DA  "C5'" "H5'"  sing N N 82  
DA  "C5'" "H5''" sing N N 83  
DA  "C4'" "O4'"  sing N N 84  
DA  "C4'" "C3'"  sing N N 85  
DA  "C4'" "H4'"  sing N N 86  
DA  "O4'" "C1'"  sing N N 87  
DA  "C3'" "O3'"  sing N N 88  
DA  "C3'" "C2'"  sing N N 89  
DA  "C3'" "H3'"  sing N N 90  
DA  "O3'" "HO3'" sing N N 91  
DA  "C2'" "C1'"  sing N N 92  
DA  "C2'" "H2'"  sing N N 93  
DA  "C2'" "H2''" sing N N 94  
DA  "C1'" N9     sing N N 95  
DA  "C1'" "H1'"  sing N N 96  
DA  N9    C8     sing Y N 97  
DA  N9    C4     sing Y N 98  
DA  C8    N7     doub Y N 99  
DA  C8    H8     sing N N 100 
DA  N7    C5     sing Y N 101 
DA  C5    C6     sing Y N 102 
DA  C5    C4     doub Y N 103 
DA  C6    N6     sing N N 104 
DA  C6    N1     doub Y N 105 
DA  N6    H61    sing N N 106 
DA  N6    H62    sing N N 107 
DA  N1    C2     sing Y N 108 
DA  C2    N3     doub Y N 109 
DA  C2    H2     sing N N 110 
DA  N3    C4     sing Y N 111 
DC  OP3   P      sing N N 112 
DC  OP3   HOP3   sing N N 113 
DC  P     OP1    doub N N 114 
DC  P     OP2    sing N N 115 
DC  P     "O5'"  sing N N 116 
DC  OP2   HOP2   sing N N 117 
DC  "O5'" "C5'"  sing N N 118 
DC  "C5'" "C4'"  sing N N 119 
DC  "C5'" "H5'"  sing N N 120 
DC  "C5'" "H5''" sing N N 121 
DC  "C4'" "O4'"  sing N N 122 
DC  "C4'" "C3'"  sing N N 123 
DC  "C4'" "H4'"  sing N N 124 
DC  "O4'" "C1'"  sing N N 125 
DC  "C3'" "O3'"  sing N N 126 
DC  "C3'" "C2'"  sing N N 127 
DC  "C3'" "H3'"  sing N N 128 
DC  "O3'" "HO3'" sing N N 129 
DC  "C2'" "C1'"  sing N N 130 
DC  "C2'" "H2'"  sing N N 131 
DC  "C2'" "H2''" sing N N 132 
DC  "C1'" N1     sing N N 133 
DC  "C1'" "H1'"  sing N N 134 
DC  N1    C2     sing N N 135 
DC  N1    C6     sing N N 136 
DC  C2    O2     doub N N 137 
DC  C2    N3     sing N N 138 
DC  N3    C4     doub N N 139 
DC  C4    N4     sing N N 140 
DC  C4    C5     sing N N 141 
DC  N4    H41    sing N N 142 
DC  N4    H42    sing N N 143 
DC  C5    C6     doub N N 144 
DC  C5    H5     sing N N 145 
DC  C6    H6     sing N N 146 
DG  OP3   P      sing N N 147 
DG  OP3   HOP3   sing N N 148 
DG  P     OP1    doub N N 149 
DG  P     OP2    sing N N 150 
DG  P     "O5'"  sing N N 151 
DG  OP2   HOP2   sing N N 152 
DG  "O5'" "C5'"  sing N N 153 
DG  "C5'" "C4'"  sing N N 154 
DG  "C5'" "H5'"  sing N N 155 
DG  "C5'" "H5''" sing N N 156 
DG  "C4'" "O4'"  sing N N 157 
DG  "C4'" "C3'"  sing N N 158 
DG  "C4'" "H4'"  sing N N 159 
DG  "O4'" "C1'"  sing N N 160 
DG  "C3'" "O3'"  sing N N 161 
DG  "C3'" "C2'"  sing N N 162 
DG  "C3'" "H3'"  sing N N 163 
DG  "O3'" "HO3'" sing N N 164 
DG  "C2'" "C1'"  sing N N 165 
DG  "C2'" "H2'"  sing N N 166 
DG  "C2'" "H2''" sing N N 167 
DG  "C1'" N9     sing N N 168 
DG  "C1'" "H1'"  sing N N 169 
DG  N9    C8     sing Y N 170 
DG  N9    C4     sing Y N 171 
DG  C8    N7     doub Y N 172 
DG  C8    H8     sing N N 173 
DG  N7    C5     sing Y N 174 
DG  C5    C6     sing N N 175 
DG  C5    C4     doub Y N 176 
DG  C6    O6     doub N N 177 
DG  C6    N1     sing N N 178 
DG  N1    C2     sing N N 179 
DG  N1    H1     sing N N 180 
DG  C2    N2     sing N N 181 
DG  C2    N3     doub N N 182 
DG  N2    H21    sing N N 183 
DG  N2    H22    sing N N 184 
DG  N3    C4     sing N N 185 
DT  OP3   P      sing N N 186 
DT  OP3   HOP3   sing N N 187 
DT  P     OP1    doub N N 188 
DT  P     OP2    sing N N 189 
DT  P     "O5'"  sing N N 190 
DT  OP2   HOP2   sing N N 191 
DT  "O5'" "C5'"  sing N N 192 
DT  "C5'" "C4'"  sing N N 193 
DT  "C5'" "H5'"  sing N N 194 
DT  "C5'" "H5''" sing N N 195 
DT  "C4'" "O4'"  sing N N 196 
DT  "C4'" "C3'"  sing N N 197 
DT  "C4'" "H4'"  sing N N 198 
DT  "O4'" "C1'"  sing N N 199 
DT  "C3'" "O3'"  sing N N 200 
DT  "C3'" "C2'"  sing N N 201 
DT  "C3'" "H3'"  sing N N 202 
DT  "O3'" "HO3'" sing N N 203 
DT  "C2'" "C1'"  sing N N 204 
DT  "C2'" "H2'"  sing N N 205 
DT  "C2'" "H2''" sing N N 206 
DT  "C1'" N1     sing N N 207 
DT  "C1'" "H1'"  sing N N 208 
DT  N1    C2     sing N N 209 
DT  N1    C6     sing N N 210 
DT  C2    O2     doub N N 211 
DT  C2    N3     sing N N 212 
DT  N3    C4     sing N N 213 
DT  N3    H3     sing N N 214 
DT  C4    O4     doub N N 215 
DT  C4    C5     sing N N 216 
DT  C5    C7     sing N N 217 
DT  C5    C6     doub N N 218 
DT  C7    H71    sing N N 219 
DT  C7    H72    sing N N 220 
DT  C7    H73    sing N N 221 
DT  C6    H6     sing N N 222 
HOH O     H1     sing N N 223 
HOH O     H2     sing N N 224 
# 
loop_
_ndb_struct_conf_na.entry_id 
_ndb_struct_conf_na.feature 
4U8B 'double helix'        
4U8B 'b-form double helix' 
# 
loop_
_ndb_struct_na_base_pair.model_number 
_ndb_struct_na_base_pair.i_label_asym_id 
_ndb_struct_na_base_pair.i_label_comp_id 
_ndb_struct_na_base_pair.i_label_seq_id 
_ndb_struct_na_base_pair.i_symmetry 
_ndb_struct_na_base_pair.j_label_asym_id 
_ndb_struct_na_base_pair.j_label_comp_id 
_ndb_struct_na_base_pair.j_label_seq_id 
_ndb_struct_na_base_pair.j_symmetry 
_ndb_struct_na_base_pair.shear 
_ndb_struct_na_base_pair.stretch 
_ndb_struct_na_base_pair.stagger 
_ndb_struct_na_base_pair.buckle 
_ndb_struct_na_base_pair.propeller 
_ndb_struct_na_base_pair.opening 
_ndb_struct_na_base_pair.pair_number 
_ndb_struct_na_base_pair.pair_name 
_ndb_struct_na_base_pair.i_auth_asym_id 
_ndb_struct_na_base_pair.i_auth_seq_id 
_ndb_struct_na_base_pair.i_PDB_ins_code 
_ndb_struct_na_base_pair.j_auth_asym_id 
_ndb_struct_na_base_pair.j_auth_seq_id 
_ndb_struct_na_base_pair.j_PDB_ins_code 
_ndb_struct_na_base_pair.hbond_type_28 
_ndb_struct_na_base_pair.hbond_type_12 
1 A DC 1  1_555 B DG 12 1_555 0.233  -0.134 0.077  1.213   -17.796 0.392  1  A_DC1:DG24_B  A 1  ? B 24 ? 19 1 
1 A DG 2  1_555 B DC 11 1_555 -0.186 -0.166 0.174  3.099   -7.265  -3.795 2  A_DG2:DC23_B  A 2  ? B 23 ? 19 1 
1 A DC 3  1_555 B DG 10 1_555 0.180  -0.110 0.177  -1.946  -8.892  -0.214 3  A_DC3:DG22_B  A 3  ? B 22 ? 19 1 
1 A DG 4  1_555 B DC 9  1_555 -0.182 -0.109 -0.053 11.297  -11.498 -0.800 4  A_DG4:DC21_B  A 4  ? B 21 ? 19 1 
1 A DA 5  1_555 B DT 8  1_555 0.074  -0.126 -0.077 6.111   -19.307 2.096  5  A_DA5:DT20_B  A 5  ? B 20 ? 20 1 
1 A DA 6  1_555 B DT 7  1_555 0.096  -0.124 0.073  1.739   -17.428 5.921  6  A_DA6:DT19_B  A 6  ? B 19 ? 20 1 
1 A DT 7  1_555 B DA 6  1_555 -0.201 -0.128 0.069  -2.075  -17.565 3.670  7  A_DT7:DA18_B  A 7  ? B 18 ? 20 1 
1 A DT 8  1_555 B DA 5  1_555 -0.085 -0.216 -0.100 -5.649  -17.257 2.629  8  A_DT8:DA17_B  A 8  ? B 17 ? 20 1 
1 A DC 9  1_555 B DG 4  1_555 0.273  -0.047 0.009  -11.379 -9.239  -0.102 9  A_DC9:DG16_B  A 9  ? B 16 ? 19 1 
1 A DG 10 1_555 B DC 3  1_555 -0.119 -0.156 0.118  6.634   -1.225  0.532  10 A_DG10:DC15_B A 10 ? B 15 ? 19 1 
1 A DC 11 1_555 B DG 2  1_555 0.053  -0.254 0.504  8.697   -25.490 -1.638 11 A_DC11:DG14_B A 11 ? B 14 ? 19 1 
1 A DG 12 1_555 B DC 1  1_555 -0.393 -0.198 -0.330 9.896   21.646  -3.153 12 A_DG12:DC13_B A 12 ? B 13 ? 19 1 
# 
loop_
_ndb_struct_na_base_pair_step.model_number 
_ndb_struct_na_base_pair_step.i_label_asym_id_1 
_ndb_struct_na_base_pair_step.i_label_comp_id_1 
_ndb_struct_na_base_pair_step.i_label_seq_id_1 
_ndb_struct_na_base_pair_step.i_symmetry_1 
_ndb_struct_na_base_pair_step.j_label_asym_id_1 
_ndb_struct_na_base_pair_step.j_label_comp_id_1 
_ndb_struct_na_base_pair_step.j_label_seq_id_1 
_ndb_struct_na_base_pair_step.j_symmetry_1 
_ndb_struct_na_base_pair_step.i_label_asym_id_2 
_ndb_struct_na_base_pair_step.i_label_comp_id_2 
_ndb_struct_na_base_pair_step.i_label_seq_id_2 
_ndb_struct_na_base_pair_step.i_symmetry_2 
_ndb_struct_na_base_pair_step.j_label_asym_id_2 
_ndb_struct_na_base_pair_step.j_label_comp_id_2 
_ndb_struct_na_base_pair_step.j_label_seq_id_2 
_ndb_struct_na_base_pair_step.j_symmetry_2 
_ndb_struct_na_base_pair_step.shift 
_ndb_struct_na_base_pair_step.slide 
_ndb_struct_na_base_pair_step.rise 
_ndb_struct_na_base_pair_step.tilt 
_ndb_struct_na_base_pair_step.roll 
_ndb_struct_na_base_pair_step.twist 
_ndb_struct_na_base_pair_step.x_displacement 
_ndb_struct_na_base_pair_step.y_displacement 
_ndb_struct_na_base_pair_step.helical_rise 
_ndb_struct_na_base_pair_step.inclination 
_ndb_struct_na_base_pair_step.tip 
_ndb_struct_na_base_pair_step.helical_twist 
_ndb_struct_na_base_pair_step.step_number 
_ndb_struct_na_base_pair_step.step_name 
_ndb_struct_na_base_pair_step.i_auth_asym_id_1 
_ndb_struct_na_base_pair_step.i_auth_seq_id_1 
_ndb_struct_na_base_pair_step.i_PDB_ins_code_1 
_ndb_struct_na_base_pair_step.j_auth_asym_id_1 
_ndb_struct_na_base_pair_step.j_auth_seq_id_1 
_ndb_struct_na_base_pair_step.j_PDB_ins_code_1 
_ndb_struct_na_base_pair_step.i_auth_asym_id_2 
_ndb_struct_na_base_pair_step.i_auth_seq_id_2 
_ndb_struct_na_base_pair_step.i_PDB_ins_code_2 
_ndb_struct_na_base_pair_step.j_auth_asym_id_2 
_ndb_struct_na_base_pair_step.j_auth_seq_id_2 
_ndb_struct_na_base_pair_step.j_PDB_ins_code_2 
1 A DC 1  1_555 B DG 12 1_555 A DG 2  1_555 B DC 11 1_555 -0.460 0.105  3.269 -2.067 7.821   31.837 -1.168 0.456  3.226 13.978  
3.694   32.823 1  AA_DC1DG2:DC23DG24_BB   A 1  ? B 24 ? A 2  ? B 23 ? 
1 A DG 2  1_555 B DC 11 1_555 A DC 3  1_555 B DG 10 1_555 0.765  0.735  3.427 1.400  -3.797  42.227 1.418  -0.910 3.374 -5.255  
-1.938  42.411 2  AA_DG2DC3:DG22DC23_BB   A 2  ? B 23 ? A 3  ? B 22 ? 
1 A DC 3  1_555 B DG 10 1_555 A DG 4  1_555 B DC 9  1_555 -0.417 0.810  3.131 3.373  9.839   27.539 -0.500 1.541  3.155 19.796  
-6.787  29.403 3  AA_DC3DG4:DC21DG22_BB   A 3  ? B 22 ? A 4  ? B 21 ? 
1 A DG 4  1_555 B DC 9  1_555 A DA 5  1_555 B DT 8  1_555 0.133  0.059  3.364 -0.017 4.583   38.292 -0.494 -0.203 3.349 6.957   
0.026   38.555 4  AA_DG4DA5:DT20DC21_BB   A 4  ? B 21 ? A 5  ? B 20 ? 
1 A DA 5  1_555 B DT 8  1_555 A DA 6  1_555 B DT 7  1_555 0.047  -0.345 3.254 -2.193 3.689   35.594 -1.084 -0.388 3.195 6.008   
3.571   35.843 5  AA_DA5DA6:DT19DT20_BB   A 5  ? B 20 ? A 6  ? B 19 ? 
1 A DA 6  1_555 B DT 7  1_555 A DT 7  1_555 B DA 6  1_555 -0.145 -0.572 3.254 0.306  -0.996  31.368 -0.870 0.325  3.268 -1.841  
-0.566  31.385 6  AA_DA6DT7:DA18DT19_BB   A 6  ? B 19 ? A 7  ? B 18 ? 
1 A DT 7  1_555 B DA 6  1_555 A DT 8  1_555 B DA 5  1_555 -0.064 -0.153 3.267 2.567  0.524   36.541 -0.316 0.453  3.253 0.835   
-4.088  36.632 7  AA_DT7DT8:DA17DA18_BB   A 7  ? B 18 ? A 8  ? B 17 ? 
1 A DT 8  1_555 B DA 5  1_555 A DC 9  1_555 B DG 4  1_555 0.021  0.251  3.410 -0.067 -0.638  41.349 0.427  -0.038 3.406 -0.903  
0.094   41.354 8  AA_DT8DC9:DG16DA17_BB   A 8  ? B 17 ? A 9  ? B 16 ? 
1 A DC 9  1_555 B DG 4  1_555 A DG 10 1_555 B DC 3  1_555 0.397  1.155  3.099 -2.170 6.161   25.434 0.908  -1.451 3.240 13.708  
4.827   26.246 9  AA_DC9DG10:DC15DG16_BB  A 9  ? B 16 ? A 10 ? B 15 ? 
1 A DG 10 1_555 B DC 3  1_555 A DC 11 1_555 B DG 2  1_555 -0.944 0.851  3.431 -4.611 -12.588 43.584 2.245  0.801  3.160 -16.495 
6.042   45.503 10 AA_DG10DC11:DG14DC15_BB A 10 ? B 15 ? A 11 ? B 14 ? 
1 A DC 11 1_555 B DG 2  1_555 A DG 12 1_555 B DC 1  1_555 1.433  0.568  3.572 7.220  -13.710 33.243 2.998  -1.180 3.323 -22.506 
-11.852 36.584 11 AA_DC11DG12:DC13DG14_BB A 11 ? B 14 ? A 12 ? B 13 ? 
# 
_pdbx_audit_support.funding_organization   
'National Institutes of Health/National Institute of General Medical Sciences (NIH/NIGMS)' 
_pdbx_audit_support.country                'United States' 
_pdbx_audit_support.grant_number           GM065307 
_pdbx_audit_support.ordinal                1 
# 
loop_
_pdbx_entity_nonpoly.entity_id 
_pdbx_entity_nonpoly.name 
_pdbx_entity_nonpoly.comp_id 
2 'MAGNESIUM ION'                                                               MG  
3 "N,N'-bis[3-(4,5-dihydro-1H-imidazol-2-yl)phenyl]biphenyl-4,4'-dicarboxamide" 3F2 
4 water                                                                         HOH 
# 
_pdbx_initial_refinement_model.id               1 
_pdbx_initial_refinement_model.entity_id_list   ? 
_pdbx_initial_refinement_model.type             'experimental model' 
_pdbx_initial_refinement_model.source_name      PDB 
_pdbx_initial_refinement_model.accession_code   436D 
_pdbx_initial_refinement_model.details          ? 
# 
